data_4QBL
#
_entry.id   4QBL
#
_cell.length_a   213.143
_cell.length_b   51.180
_cell.length_c   127.267
_cell.angle_alpha   90.00
_cell.angle_beta   125.49
_cell.angle_gamma   90.00
#
_symmetry.space_group_name_H-M   'C 1 2 1'
#
loop_
_entity.id
_entity.type
_entity.pdbx_description
1 polymer VRR-NUC
2 non-polymer 'MAGNESIUM ION'
3 water water
#
_entity_poly.entity_id   1
_entity_poly.type   'polypeptide(L)'
_entity_poly.pdbx_seq_one_letter_code
;RLKGLTEDEVQTVV(MSE)NWSKRQKFKGRPLFDYIHHSPNGGKRAAKIGSSGKRYSPEAAKFKR(MSE)GVKAGYPDLI
IDIARGAYHGLRIEIKKDGNSYATPAQKERIE(MSE)LAKEGYCAVVAKGIDNVISVIQQYIKLGDFDGVSQLTADK
;
_entity_poly.pdbx_strand_id   A,B,D,E,F,C
#
# COMPACT_ATOMS: atom_id res chain seq x y z
N LEU A 2 9.87 -12.09 54.49
CA LEU A 2 9.71 -10.78 55.12
C LEU A 2 9.08 -9.78 54.16
N LYS A 3 9.37 -9.92 52.87
CA LYS A 3 8.59 -9.28 51.80
C LYS A 3 8.64 -7.75 51.68
N GLY A 4 8.92 -7.27 50.47
CA GLY A 4 8.89 -5.84 50.19
C GLY A 4 7.48 -5.36 49.89
N LEU A 5 7.36 -4.14 49.38
CA LEU A 5 6.06 -3.64 48.91
C LEU A 5 5.41 -4.55 47.87
N THR A 6 4.08 -4.64 47.89
CA THR A 6 3.36 -5.36 46.83
C THR A 6 3.29 -4.48 45.58
N GLU A 7 2.95 -5.06 44.44
CA GLU A 7 2.86 -4.27 43.22
C GLU A 7 1.71 -3.25 43.32
N ASP A 8 0.61 -3.65 43.94
CA ASP A 8 -0.52 -2.74 44.17
C ASP A 8 -0.08 -1.50 44.94
N GLU A 9 0.70 -1.71 45.99
CA GLU A 9 1.15 -0.60 46.81
C GLU A 9 2.10 0.29 46.02
N VAL A 10 3.00 -0.30 45.25
CA VAL A 10 3.92 0.50 44.44
C VAL A 10 3.16 1.39 43.44
N GLN A 11 2.21 0.80 42.74
CA GLN A 11 1.42 1.55 41.77
C GLN A 11 0.59 2.68 42.43
N THR A 12 0.02 2.39 43.60
CA THR A 12 -0.79 3.38 44.31
C THR A 12 0.04 4.61 44.73
N VAL A 13 1.27 4.39 45.20
CA VAL A 13 2.14 5.50 45.58
C VAL A 13 2.49 6.36 44.36
N VAL A 14 2.77 5.70 43.24
CA VAL A 14 3.03 6.40 41.99
C VAL A 14 1.82 7.22 41.56
N ASN A 16 -0.62 8.36 43.57
CA ASN A 16 -0.79 9.44 44.53
C ASN A 16 0.18 10.58 44.25
N TRP A 17 1.41 10.22 43.92
CA TRP A 17 2.40 11.19 43.46
C TRP A 17 1.93 12.00 42.23
N SER A 18 1.33 11.31 41.26
CA SER A 18 0.91 11.99 40.03
C SER A 18 -0.21 12.99 40.30
N LYS A 19 -0.94 12.79 41.39
CA LYS A 19 -2.04 13.68 41.74
C LYS A 19 -1.52 15.05 42.16
N ARG A 20 -0.27 15.09 42.60
CA ARG A 20 0.34 16.32 43.09
C ARG A 20 1.17 17.02 42.02
N GLN A 21 1.21 16.44 40.82
CA GLN A 21 1.93 17.01 39.69
C GLN A 21 0.94 17.63 38.70
N LYS A 22 1.38 18.64 37.95
CA LYS A 22 0.50 19.30 36.99
C LYS A 22 0.99 19.18 35.56
N PHE A 23 0.07 18.98 34.63
CA PHE A 23 0.36 19.01 33.20
C PHE A 23 -0.74 19.76 32.45
N LYS A 24 -0.38 20.91 31.88
CA LYS A 24 -1.32 21.76 31.15
C LYS A 24 -2.55 22.12 31.98
N GLY A 25 -2.33 22.56 33.21
CA GLY A 25 -3.41 23.11 34.02
C GLY A 25 -4.16 22.13 34.89
N ARG A 26 -3.94 20.83 34.66
CA ARG A 26 -4.64 19.82 35.43
C ARG A 26 -3.67 18.76 35.98
N PRO A 27 -4.12 17.95 36.96
CA PRO A 27 -3.21 16.94 37.53
C PRO A 27 -2.72 15.94 36.49
N LEU A 28 -1.44 15.58 36.58
CA LEU A 28 -0.85 14.60 35.68
C LEU A 28 -1.62 13.29 35.74
N PHE A 29 -2.12 12.98 36.95
CA PHE A 29 -2.99 11.85 37.19
C PHE A 29 -4.12 11.71 36.16
N ASP A 30 -4.67 12.82 35.69
CA ASP A 30 -5.78 12.78 34.72
C ASP A 30 -5.37 12.17 33.38
N TYR A 31 -4.07 12.18 33.09
CA TYR A 31 -3.56 11.66 31.82
C TYR A 31 -3.10 10.22 31.93
N ILE A 32 -3.17 9.65 33.12
CA ILE A 32 -2.72 8.28 33.32
C ILE A 32 -3.89 7.33 33.41
N HIS A 33 -3.84 6.25 32.62
CA HIS A 33 -4.88 5.26 32.69
C HIS A 33 -4.24 3.93 33.04
N HIS A 34 -4.95 3.14 33.84
CA HIS A 34 -4.53 1.78 34.14
C HIS A 34 -5.62 0.85 33.63
N SER A 35 -5.26 -0.14 32.82
CA SER A 35 -6.25 -1.13 32.43
C SER A 35 -6.12 -2.35 33.33
N PRO A 36 -7.18 -2.67 34.09
CA PRO A 36 -7.15 -3.80 35.01
C PRO A 36 -7.54 -5.12 34.32
N GLU A 55 -14.81 -16.45 30.78
CA GLU A 55 -14.35 -15.64 31.90
C GLU A 55 -13.09 -14.89 31.50
N ALA A 56 -11.94 -15.53 31.65
CA ALA A 56 -10.71 -15.01 31.09
C ALA A 56 -10.79 -15.12 29.58
N ALA A 57 -11.41 -16.22 29.13
CA ALA A 57 -11.63 -16.46 27.71
C ALA A 57 -12.45 -15.33 27.09
N LYS A 58 -13.50 -14.90 27.79
CA LYS A 58 -14.35 -13.85 27.27
C LYS A 58 -13.56 -12.55 27.10
N PHE A 59 -12.77 -12.20 28.10
CA PHE A 59 -12.03 -10.96 28.05
C PHE A 59 -11.02 -10.98 26.90
N LYS A 60 -10.42 -12.14 26.66
CA LYS A 60 -9.48 -12.26 25.57
C LYS A 60 -10.16 -12.07 24.21
N ARG A 61 -11.33 -12.67 24.01
CA ARG A 61 -12.00 -12.49 22.72
C ARG A 61 -12.64 -11.11 22.64
N GLY A 63 -10.80 -8.65 23.42
CA GLY A 63 -9.63 -7.88 23.04
C GLY A 63 -8.67 -7.53 24.17
N VAL A 64 -8.95 -7.99 25.38
CA VAL A 64 -8.02 -7.73 26.49
C VAL A 64 -6.69 -8.46 26.25
N LYS A 65 -5.59 -7.71 26.22
CA LYS A 65 -4.28 -8.31 25.97
C LYS A 65 -3.56 -8.64 27.28
N ALA A 66 -3.33 -9.93 27.52
CA ALA A 66 -2.44 -10.34 28.61
C ALA A 66 -1.07 -9.68 28.43
N GLY A 67 -0.48 -9.22 29.52
CA GLY A 67 0.82 -8.60 29.44
C GLY A 67 0.84 -7.14 29.01
N TYR A 68 -0.33 -6.51 28.86
CA TYR A 68 -0.35 -5.09 28.52
C TYR A 68 0.24 -4.32 29.71
N PRO A 69 1.09 -3.32 29.45
CA PRO A 69 1.71 -2.49 30.51
C PRO A 69 0.67 -1.93 31.47
N ASP A 70 1.05 -1.76 32.73
CA ASP A 70 0.16 -1.27 33.77
C ASP A 70 -0.26 0.16 33.54
N LEU A 71 0.67 0.99 33.08
CA LEU A 71 0.41 2.42 33.00
C LEU A 71 0.38 2.92 31.58
N ILE A 72 -0.71 3.58 31.24
CA ILE A 72 -0.88 4.25 29.96
C ILE A 72 -0.84 5.76 30.19
N ILE A 73 0.13 6.44 29.57
CA ILE A 73 0.11 7.89 29.64
C ILE A 73 -0.11 8.44 28.24
N ASP A 74 -1.28 9.06 28.06
CA ASP A 74 -1.75 9.53 26.75
C ASP A 74 -1.27 10.94 26.46
N ILE A 75 0.05 11.09 26.46
CA ILE A 75 0.71 12.32 26.11
C ILE A 75 1.89 11.96 25.22
N ALA A 76 2.01 12.61 24.07
CA ALA A 76 3.18 12.44 23.22
C ALA A 76 4.28 13.41 23.61
N ARG A 77 5.48 12.89 23.87
CA ARG A 77 6.62 13.75 24.21
C ARG A 77 7.84 13.34 23.41
N GLY A 78 8.68 14.32 23.07
CA GLY A 78 9.89 14.10 22.30
C GLY A 78 9.63 13.25 21.07
N ALA A 79 10.26 12.10 21.02
CA ALA A 79 10.16 11.20 19.87
C ALA A 79 8.96 10.26 19.92
N TYR A 80 8.22 10.28 21.02
CA TYR A 80 7.28 9.19 21.28
C TYR A 80 5.81 9.57 21.14
N HIS A 81 4.99 8.59 20.75
CA HIS A 81 3.56 8.77 20.56
C HIS A 81 2.77 8.59 21.85
N GLY A 82 3.44 8.13 22.91
CA GLY A 82 2.79 7.91 24.19
C GLY A 82 3.77 7.16 25.09
N LEU A 83 3.41 7.02 26.35
CA LEU A 83 4.27 6.36 27.32
C LEU A 83 3.54 5.14 27.87
N ARG A 84 4.28 4.03 27.99
CA ARG A 84 3.76 2.80 28.60
C ARG A 84 4.76 2.29 29.65
N ILE A 85 4.29 1.96 30.85
CA ILE A 85 5.22 1.42 31.85
C ILE A 85 4.71 0.09 32.40
N GLU A 86 5.50 -0.96 32.25
CA GLU A 86 5.23 -2.19 32.98
C GLU A 86 5.86 -2.09 34.38
N ILE A 87 5.03 -2.03 35.42
CA ILE A 87 5.55 -1.87 36.79
C ILE A 87 5.92 -3.20 37.44
N LYS A 88 7.10 -3.25 38.09
CA LYS A 88 7.44 -4.37 38.94
C LYS A 88 7.65 -3.84 40.37
N LYS A 89 7.35 -4.65 41.37
CA LYS A 89 7.35 -4.16 42.75
C LYS A 89 8.77 -3.89 43.28
N ASP A 90 9.76 -4.70 42.89
CA ASP A 90 11.15 -4.45 43.26
C ASP A 90 12.12 -5.05 42.24
N GLY A 91 13.40 -5.03 42.58
CA GLY A 91 14.46 -5.51 41.71
C GLY A 91 14.49 -7.02 41.52
N ASN A 92 13.77 -7.75 42.37
CA ASN A 92 13.70 -9.21 42.23
C ASN A 92 12.50 -9.70 41.44
N SER A 93 11.82 -8.79 40.74
CA SER A 93 10.68 -9.16 39.92
C SER A 93 10.97 -8.85 38.46
N TYR A 94 10.43 -9.68 37.57
CA TYR A 94 10.81 -9.66 36.17
C TYR A 94 9.61 -9.78 35.24
N ALA A 95 9.74 -9.18 34.06
CA ALA A 95 8.71 -9.20 33.02
C ALA A 95 8.41 -10.61 32.49
N THR A 96 7.14 -10.94 32.35
CA THR A 96 6.74 -12.20 31.73
C THR A 96 7.04 -12.13 30.20
N PRO A 97 7.07 -13.29 29.52
CA PRO A 97 7.24 -13.26 28.06
C PRO A 97 6.15 -12.42 27.33
N ALA A 98 4.91 -12.50 27.78
CA ALA A 98 3.85 -11.73 27.13
C ALA A 98 4.10 -10.24 27.34
N GLN A 99 4.56 -9.87 28.54
CA GLN A 99 4.80 -8.47 28.84
C GLN A 99 5.95 -7.93 27.98
N LYS A 100 6.99 -8.72 27.80
CA LYS A 100 8.13 -8.27 27.02
C LYS A 100 7.76 -8.17 25.54
N GLU A 101 6.94 -9.11 25.08
CA GLU A 101 6.48 -9.08 23.70
C GLU A 101 5.66 -7.81 23.42
N ARG A 102 4.79 -7.45 24.36
CA ARG A 102 3.93 -6.28 24.18
C ARG A 102 4.79 -5.00 24.18
N ILE A 103 5.76 -4.96 25.07
CA ILE A 103 6.70 -3.86 25.14
C ILE A 103 7.46 -3.69 23.83
N GLU A 104 7.90 -4.79 23.23
CA GLU A 104 8.58 -4.73 21.94
C GLU A 104 7.67 -4.17 20.84
N LEU A 106 5.10 -2.19 21.24
CA LEU A 106 4.90 -0.78 21.52
C LEU A 106 6.08 0.07 21.05
N ALA A 107 7.29 -0.33 21.44
CA ALA A 107 8.50 0.37 21.03
C ALA A 107 8.60 0.48 19.50
N LYS A 108 8.25 -0.60 18.83
CA LYS A 108 8.29 -0.68 17.37
C LYS A 108 7.34 0.32 16.71
N GLU A 109 6.23 0.62 17.39
CA GLU A 109 5.26 1.56 16.83
C GLU A 109 5.50 3.00 17.29
N GLY A 110 6.63 3.22 17.96
CA GLY A 110 7.03 4.57 18.33
C GLY A 110 6.57 5.05 19.69
N TYR A 111 6.10 4.15 20.54
CA TYR A 111 5.76 4.53 21.92
C TYR A 111 7.00 4.35 22.79
N CYS A 112 7.07 5.08 23.91
CA CYS A 112 8.06 4.78 24.93
C CYS A 112 7.47 3.72 25.84
N ALA A 113 8.03 2.51 25.78
CA ALA A 113 7.54 1.38 26.55
C ALA A 113 8.66 0.77 27.37
N VAL A 114 8.54 0.79 28.70
CA VAL A 114 9.63 0.29 29.54
C VAL A 114 9.14 -0.51 30.73
N VAL A 115 10.02 -1.38 31.23
CA VAL A 115 9.85 -2.01 32.54
C VAL A 115 10.54 -1.14 33.57
N ALA A 116 9.79 -0.72 34.59
CA ALA A 116 10.36 0.05 35.69
C ALA A 116 10.10 -0.66 37.02
N LYS A 117 11.08 -0.66 37.92
CA LYS A 117 10.96 -1.47 39.11
C LYS A 117 11.09 -0.66 40.41
N GLY A 118 10.01 -0.66 41.21
CA GLY A 118 10.00 0.01 42.49
C GLY A 118 9.48 1.42 42.28
N ILE A 119 9.06 2.08 43.36
CA ILE A 119 8.39 3.37 43.23
C ILE A 119 9.28 4.42 42.58
N ASP A 120 10.48 4.59 43.12
CA ASP A 120 11.40 5.62 42.65
C ASP A 120 11.70 5.55 41.15
N ASN A 121 11.93 4.35 40.62
CA ASN A 121 12.24 4.18 39.21
C ASN A 121 11.04 4.47 38.30
N VAL A 122 9.85 4.10 38.74
CA VAL A 122 8.65 4.38 37.97
C VAL A 122 8.46 5.90 37.86
N ILE A 123 8.59 6.58 38.98
CA ILE A 123 8.43 8.03 39.00
C ILE A 123 9.51 8.71 38.17
N SER A 124 10.74 8.19 38.25
CA SER A 124 11.84 8.77 37.49
C SER A 124 11.60 8.64 35.96
N VAL A 125 11.02 7.53 35.53
CA VAL A 125 10.72 7.35 34.10
C VAL A 125 9.68 8.36 33.60
N ILE A 126 8.62 8.54 34.38
CA ILE A 126 7.60 9.54 34.06
C ILE A 126 8.18 10.95 34.01
N GLN A 127 9.04 11.29 34.98
CA GLN A 127 9.73 12.57 35.00
C GLN A 127 10.59 12.80 33.76
N GLN A 128 11.42 11.84 33.41
CA GLN A 128 12.25 11.96 32.21
C GLN A 128 11.41 12.05 30.94
N TYR A 129 10.29 11.34 30.90
CA TYR A 129 9.47 11.34 29.70
C TYR A 129 8.84 12.71 29.45
N ILE A 130 8.18 13.25 30.47
CA ILE A 130 7.56 14.57 30.38
C ILE A 130 8.61 15.63 30.02
N LYS A 131 9.82 15.49 30.58
CA LYS A 131 10.88 16.47 30.35
C LYS A 131 11.43 16.48 28.93
N LEU A 132 11.11 15.46 28.13
CA LEU A 132 11.55 15.43 26.74
C LEU A 132 10.96 16.60 25.96
N GLY A 133 9.84 17.13 26.43
CA GLY A 133 9.19 18.26 25.80
C GLY A 133 8.17 17.86 24.74
N ASP A 134 7.68 18.87 24.01
CA ASP A 134 6.68 18.66 22.98
C ASP A 134 7.12 17.61 21.98
N PHE A 135 6.15 16.92 21.38
CA PHE A 135 6.45 15.92 20.36
C PHE A 135 7.30 16.52 19.26
N ASP A 136 8.48 15.97 19.03
CA ASP A 136 9.31 16.42 17.92
C ASP A 136 9.73 15.26 17.00
N GLY A 137 9.46 14.03 17.44
CA GLY A 137 9.78 12.85 16.67
C GLY A 137 11.25 12.43 16.73
N VAL A 138 12.06 13.09 17.55
CA VAL A 138 13.49 12.80 17.57
C VAL A 138 14.09 12.62 18.98
N SER A 139 13.56 13.31 19.98
CA SER A 139 14.20 13.28 21.30
C SER A 139 13.87 12.00 22.07
N GLN A 140 14.89 11.17 22.27
CA GLN A 140 14.73 9.88 22.92
C GLN A 140 15.07 9.91 24.40
N LEU A 141 14.59 8.91 25.12
CA LEU A 141 14.79 8.79 26.56
C LEU A 141 16.24 8.40 26.87
N LEU B 2 36.86 -18.82 13.68
CA LEU B 2 35.69 -19.69 13.81
C LEU B 2 34.68 -19.38 12.72
N LYS B 3 34.57 -20.27 11.74
CA LYS B 3 33.68 -20.07 10.61
C LYS B 3 32.22 -20.36 10.97
N GLY B 4 31.30 -19.69 10.30
CA GLY B 4 29.88 -19.95 10.48
C GLY B 4 29.39 -21.05 9.56
N LEU B 5 28.07 -21.24 9.53
CA LEU B 5 27.45 -22.22 8.63
C LEU B 5 27.78 -21.96 7.17
N THR B 6 27.79 -23.02 6.36
CA THR B 6 27.95 -22.88 4.92
C THR B 6 26.58 -22.60 4.31
N GLU B 7 26.55 -22.16 3.07
CA GLU B 7 25.28 -21.90 2.40
C GLU B 7 24.49 -23.19 2.23
N ASP B 8 25.19 -24.27 1.91
CA ASP B 8 24.56 -25.56 1.72
C ASP B 8 23.90 -26.06 3.01
N GLU B 9 24.56 -25.82 4.15
CA GLU B 9 24.01 -26.21 5.43
C GLU B 9 22.75 -25.40 5.74
N VAL B 10 22.78 -24.11 5.41
CA VAL B 10 21.63 -23.24 5.60
C VAL B 10 20.43 -23.74 4.79
N GLN B 11 20.64 -23.96 3.50
CA GLN B 11 19.56 -24.41 2.64
C GLN B 11 19.01 -25.73 3.15
N THR B 12 19.90 -26.62 3.55
CA THR B 12 19.52 -27.94 4.04
C THR B 12 18.56 -27.89 5.22
N VAL B 13 18.87 -27.07 6.21
CA VAL B 13 17.99 -26.92 7.36
C VAL B 13 16.64 -26.33 6.95
N VAL B 14 16.66 -25.40 6.01
CA VAL B 14 15.41 -24.82 5.53
C VAL B 14 14.54 -25.87 4.85
N ASN B 16 14.66 -29.13 5.28
CA ASN B 16 14.20 -30.07 6.31
C ASN B 16 13.04 -29.50 7.10
N TRP B 17 13.13 -28.22 7.46
CA TRP B 17 12.02 -27.54 8.10
C TRP B 17 10.75 -27.61 7.25
N SER B 18 10.88 -27.37 5.95
CA SER B 18 9.71 -27.31 5.07
C SER B 18 9.00 -28.66 4.98
N LYS B 19 9.73 -29.73 5.28
CA LYS B 19 9.17 -31.07 5.23
C LYS B 19 8.14 -31.32 6.32
N ARG B 20 8.23 -30.56 7.41
CA ARG B 20 7.38 -30.78 8.56
C ARG B 20 6.17 -29.84 8.59
N GLN B 21 6.05 -28.98 7.58
CA GLN B 21 4.90 -28.09 7.48
C GLN B 21 3.93 -28.54 6.40
N LYS B 22 2.68 -28.06 6.47
CA LYS B 22 1.64 -28.48 5.55
C LYS B 22 1.05 -27.29 4.80
N PHE B 23 0.80 -27.47 3.52
CA PHE B 23 0.12 -26.47 2.72
C PHE B 23 -0.83 -27.18 1.75
N LYS B 24 -2.13 -26.94 1.92
CA LYS B 24 -3.16 -27.60 1.12
C LYS B 24 -3.05 -29.13 1.12
N GLY B 25 -2.79 -29.71 2.28
CA GLY B 25 -2.83 -31.16 2.44
C GLY B 25 -1.54 -31.90 2.19
N ARG B 26 -0.51 -31.21 1.71
CA ARG B 26 0.77 -31.86 1.46
C ARG B 26 1.92 -31.03 2.06
N PRO B 27 3.09 -31.66 2.27
CA PRO B 27 4.21 -30.93 2.88
C PRO B 27 4.61 -29.68 2.09
N LEU B 28 5.03 -28.62 2.79
CA LEU B 28 5.38 -27.38 2.11
C LEU B 28 6.55 -27.62 1.16
N PHE B 29 7.43 -28.52 1.57
CA PHE B 29 8.53 -29.05 0.76
C PHE B 29 8.17 -29.27 -0.72
N ASP B 30 6.97 -29.79 -0.97
CA ASP B 30 6.56 -30.15 -2.35
C ASP B 30 6.42 -28.94 -3.27
N TYR B 31 6.19 -27.76 -2.71
CA TYR B 31 6.00 -26.56 -3.51
C TYR B 31 7.31 -25.83 -3.73
N ILE B 32 8.37 -26.35 -3.15
CA ILE B 32 9.66 -25.71 -3.27
C ILE B 32 10.52 -26.47 -4.25
N HIS B 33 11.16 -25.72 -5.14
CA HIS B 33 12.07 -26.32 -6.09
C HIS B 33 13.37 -25.54 -6.04
N HIS B 34 14.49 -26.27 -6.10
CA HIS B 34 15.78 -25.64 -6.15
C HIS B 34 16.43 -25.93 -7.49
N SER B 35 16.90 -24.89 -8.18
CA SER B 35 17.62 -25.08 -9.44
C SER B 35 19.12 -24.95 -9.23
N PRO B 36 19.84 -26.09 -9.31
CA PRO B 36 21.30 -26.09 -9.15
C PRO B 36 22.01 -25.25 -10.20
N ALA B 56 29.31 -26.35 -19.13
CA ALA B 56 29.89 -25.20 -19.82
C ALA B 56 28.81 -24.16 -20.12
N ALA B 57 28.78 -23.69 -21.37
CA ALA B 57 27.83 -22.67 -21.79
C ALA B 57 26.61 -23.29 -22.49
N LYS B 58 26.56 -24.61 -22.52
CA LYS B 58 25.42 -25.31 -23.10
C LYS B 58 24.17 -25.11 -22.24
N PHE B 59 24.37 -25.06 -20.93
CA PHE B 59 23.27 -24.80 -20.01
C PHE B 59 22.72 -23.41 -20.24
N LYS B 60 23.62 -22.44 -20.44
CA LYS B 60 23.22 -21.08 -20.76
C LYS B 60 22.47 -21.07 -22.08
N ARG B 61 22.95 -21.87 -23.03
CA ARG B 61 22.34 -22.02 -24.33
C ARG B 61 20.91 -22.57 -24.22
N GLY B 63 19.04 -22.10 -21.76
CA GLY B 63 18.24 -21.19 -20.96
C GLY B 63 18.49 -21.05 -19.47
N VAL B 64 19.52 -21.72 -18.94
CA VAL B 64 19.83 -21.54 -17.52
C VAL B 64 20.32 -20.12 -17.28
N LYS B 65 19.65 -19.40 -16.40
CA LYS B 65 20.02 -18.02 -16.13
C LYS B 65 20.94 -17.91 -14.93
N ALA B 66 22.15 -17.39 -15.17
CA ALA B 66 23.12 -17.18 -14.10
C ALA B 66 22.59 -16.13 -13.14
N GLY B 67 22.60 -16.43 -11.86
CA GLY B 67 22.13 -15.49 -10.86
C GLY B 67 20.68 -15.69 -10.50
N TYR B 68 20.09 -16.80 -10.94
CA TYR B 68 18.71 -17.11 -10.57
C TYR B 68 18.62 -17.48 -9.09
N PRO B 69 17.57 -17.02 -8.39
CA PRO B 69 17.40 -17.34 -6.96
C PRO B 69 17.47 -18.83 -6.65
N ASP B 70 18.00 -19.17 -5.48
CA ASP B 70 18.12 -20.58 -5.09
C ASP B 70 16.76 -21.25 -4.94
N LEU B 71 15.81 -20.54 -4.36
CA LEU B 71 14.53 -21.14 -4.00
C LEU B 71 13.40 -20.63 -4.88
N ILE B 72 12.64 -21.57 -5.43
CA ILE B 72 11.44 -21.28 -6.20
C ILE B 72 10.26 -21.86 -5.44
N ILE B 73 9.32 -21.01 -5.01
CA ILE B 73 8.12 -21.52 -4.38
C ILE B 73 6.90 -21.16 -5.19
N ASP B 74 6.31 -22.18 -5.81
CA ASP B 74 5.24 -21.99 -6.79
C ASP B 74 3.87 -21.84 -6.15
N ILE B 75 3.71 -20.75 -5.40
CA ILE B 75 2.46 -20.40 -4.75
C ILE B 75 2.30 -18.90 -4.86
N ALA B 76 1.17 -18.45 -5.41
CA ALA B 76 0.87 -17.03 -5.45
C ALA B 76 0.23 -16.63 -4.12
N ARG B 77 0.79 -15.63 -3.46
CA ARG B 77 0.20 -15.09 -2.23
C ARG B 77 0.25 -13.57 -2.27
N GLY B 78 -0.77 -12.93 -1.72
CA GLY B 78 -0.81 -11.48 -1.67
C GLY B 78 -0.73 -10.85 -3.05
N ALA B 79 0.17 -9.88 -3.22
CA ALA B 79 0.32 -9.17 -4.47
C ALA B 79 1.21 -9.89 -5.49
N TYR B 80 1.68 -11.08 -5.11
CA TYR B 80 2.77 -11.74 -5.84
C TYR B 80 2.35 -13.00 -6.62
N HIS B 81 2.97 -13.20 -7.79
CA HIS B 81 2.70 -14.38 -8.60
C HIS B 81 3.51 -15.59 -8.13
N GLY B 82 4.41 -15.38 -7.17
CA GLY B 82 5.24 -16.46 -6.66
C GLY B 82 6.38 -15.93 -5.81
N LEU B 83 7.11 -16.84 -5.15
CA LEU B 83 8.20 -16.46 -4.27
C LEU B 83 9.57 -16.93 -4.76
N ARG B 84 10.54 -16.03 -4.74
CA ARG B 84 11.93 -16.39 -5.07
C ARG B 84 12.84 -15.94 -3.94
N ILE B 85 13.72 -16.83 -3.48
CA ILE B 85 14.67 -16.44 -2.44
C ILE B 85 16.10 -16.75 -2.84
N GLU B 86 16.91 -15.70 -2.86
CA GLU B 86 18.37 -15.84 -2.96
C GLU B 86 18.95 -15.99 -1.55
N ILE B 87 19.39 -17.21 -1.23
CA ILE B 87 19.91 -17.53 0.11
C ILE B 87 21.39 -17.14 0.29
N LYS B 88 21.71 -16.51 1.41
CA LYS B 88 23.11 -16.28 1.78
C LYS B 88 23.40 -16.92 3.13
N LYS B 89 24.65 -17.31 3.36
CA LYS B 89 25.02 -18.07 4.55
C LYS B 89 24.87 -17.26 5.85
N ASP B 90 25.26 -15.99 5.80
CA ASP B 90 25.18 -15.11 6.97
C ASP B 90 25.08 -13.66 6.56
N GLY B 91 25.29 -12.76 7.52
CA GLY B 91 25.18 -11.33 7.27
C GLY B 91 26.32 -10.74 6.45
N ASN B 92 27.44 -11.44 6.40
CA ASN B 92 28.64 -10.93 5.72
C ASN B 92 28.77 -11.40 4.27
N SER B 93 27.69 -11.98 3.73
CA SER B 93 27.65 -12.40 2.33
C SER B 93 26.60 -11.60 1.56
N TYR B 94 26.94 -11.19 0.35
CA TYR B 94 26.05 -10.30 -0.39
C TYR B 94 25.77 -10.83 -1.80
N ALA B 95 24.69 -10.35 -2.39
CA ALA B 95 24.25 -10.80 -3.71
C ALA B 95 25.08 -10.17 -4.83
N THR B 96 25.47 -11.00 -5.78
CA THR B 96 26.24 -10.54 -6.94
C THR B 96 25.38 -9.60 -7.79
N PRO B 97 26.02 -8.81 -8.68
CA PRO B 97 25.24 -7.94 -9.56
C PRO B 97 24.28 -8.71 -10.46
N ALA B 98 24.71 -9.90 -10.92
CA ALA B 98 23.84 -10.75 -11.72
C ALA B 98 22.62 -11.19 -10.92
N GLN B 99 22.85 -11.51 -9.65
CA GLN B 99 21.78 -11.97 -8.78
C GLN B 99 20.79 -10.86 -8.48
N LYS B 100 21.31 -9.65 -8.24
CA LYS B 100 20.47 -8.48 -8.04
C LYS B 100 19.65 -8.18 -9.28
N GLU B 101 20.28 -8.30 -10.44
CA GLU B 101 19.60 -8.02 -11.71
C GLU B 101 18.42 -8.94 -11.95
N ARG B 102 18.59 -10.23 -11.67
CA ARG B 102 17.51 -11.19 -11.86
C ARG B 102 16.38 -10.94 -10.88
N ILE B 103 16.74 -10.59 -9.65
CA ILE B 103 15.74 -10.25 -8.63
C ILE B 103 14.92 -9.04 -9.06
N GLU B 104 15.60 -8.02 -9.57
CA GLU B 104 14.93 -6.85 -10.14
C GLU B 104 13.95 -7.24 -11.24
N LEU B 106 12.49 -10.24 -11.64
CA LEU B 106 11.40 -10.99 -11.03
C LEU B 106 10.43 -10.06 -10.31
N ALA B 107 10.95 -9.07 -9.62
CA ALA B 107 10.12 -8.09 -8.94
C ALA B 107 9.25 -7.33 -9.95
N LYS B 108 9.86 -6.87 -11.02
CA LYS B 108 9.13 -6.09 -12.03
C LYS B 108 8.01 -6.89 -12.68
N GLU B 109 8.13 -8.21 -12.71
CA GLU B 109 7.08 -9.06 -13.29
C GLU B 109 6.10 -9.54 -12.22
N GLY B 110 6.21 -8.98 -11.02
CA GLY B 110 5.25 -9.25 -9.96
C GLY B 110 5.54 -10.44 -9.07
N TYR B 111 6.79 -10.90 -9.05
CA TYR B 111 7.17 -11.96 -8.12
C TYR B 111 7.77 -11.35 -6.85
N CYS B 112 7.64 -12.04 -5.75
CA CYS B 112 8.34 -11.64 -4.53
C CYS B 112 9.73 -12.23 -4.57
N ALA B 113 10.73 -11.37 -4.73
CA ALA B 113 12.11 -11.81 -4.92
C ALA B 113 13.01 -11.10 -3.93
N VAL B 114 13.56 -11.86 -2.98
CA VAL B 114 14.35 -11.28 -1.90
C VAL B 114 15.66 -12.05 -1.67
N VAL B 115 16.60 -11.36 -1.02
CA VAL B 115 17.81 -11.98 -0.51
C VAL B 115 17.62 -12.17 1.00
N ALA B 116 17.64 -13.43 1.45
CA ALA B 116 17.54 -13.76 2.87
C ALA B 116 18.85 -14.40 3.35
N LYS B 117 19.32 -13.99 4.52
CA LYS B 117 20.62 -14.43 5.00
C LYS B 117 20.53 -15.20 6.32
N GLY B 118 20.94 -16.46 6.30
CA GLY B 118 20.91 -17.30 7.48
C GLY B 118 19.59 -18.03 7.61
N ILE B 119 19.58 -19.09 8.42
CA ILE B 119 18.44 -20.01 8.48
C ILE B 119 17.16 -19.33 8.95
N ASP B 120 17.24 -18.58 10.06
CA ASP B 120 16.04 -17.95 10.64
C ASP B 120 15.38 -16.95 9.68
N ASN B 121 16.19 -16.19 8.96
CA ASN B 121 15.64 -15.17 8.08
C ASN B 121 14.98 -15.79 6.86
N VAL B 122 15.56 -16.86 6.32
CA VAL B 122 14.95 -17.56 5.20
C VAL B 122 13.59 -18.13 5.61
N ILE B 123 13.56 -18.80 6.78
CA ILE B 123 12.33 -19.43 7.25
C ILE B 123 11.31 -18.36 7.58
N SER B 124 11.79 -17.22 8.09
CA SER B 124 10.90 -16.09 8.36
C SER B 124 10.26 -15.55 7.07
N VAL B 125 11.05 -15.35 6.00
CA VAL B 125 10.53 -14.83 4.74
C VAL B 125 9.48 -15.75 4.16
N ILE B 126 9.78 -17.04 4.14
CA ILE B 126 8.81 -18.03 3.69
C ILE B 126 7.55 -17.91 4.52
N GLN B 127 7.72 -17.84 5.84
CA GLN B 127 6.57 -17.74 6.72
C GLN B 127 5.78 -16.47 6.45
N GLN B 128 6.46 -15.36 6.23
CA GLN B 128 5.77 -14.08 6.02
C GLN B 128 5.08 -14.07 4.65
N TYR B 129 5.60 -14.85 3.71
CA TYR B 129 5.01 -14.90 2.36
C TYR B 129 3.66 -15.62 2.34
N ILE B 130 3.60 -16.83 2.92
CA ILE B 130 2.37 -17.65 2.91
C ILE B 130 1.20 -17.01 3.70
N LYS B 131 1.52 -16.39 4.84
CA LYS B 131 0.52 -15.69 5.65
C LYS B 131 0.00 -14.43 4.97
N LEU B 132 0.57 -14.05 3.83
CA LEU B 132 -0.03 -12.95 3.06
C LEU B 132 -1.44 -13.34 2.63
N GLY B 133 -1.74 -14.63 2.69
CA GLY B 133 -3.05 -15.11 2.31
C GLY B 133 -3.14 -15.24 0.80
N ASP B 134 -4.31 -15.61 0.29
CA ASP B 134 -4.45 -15.87 -1.15
C ASP B 134 -4.12 -14.62 -1.97
N PHE B 135 -3.78 -14.83 -3.24
CA PHE B 135 -3.44 -13.76 -4.16
C PHE B 135 -4.56 -12.72 -4.24
N ASP B 136 -4.17 -11.44 -4.19
CA ASP B 136 -5.12 -10.34 -4.32
C ASP B 136 -4.52 -9.18 -5.10
N GLY B 137 -3.30 -9.36 -5.60
CA GLY B 137 -2.62 -8.33 -6.35
C GLY B 137 -2.25 -7.06 -5.59
N VAL B 138 -2.46 -7.05 -4.27
CA VAL B 138 -2.22 -5.85 -3.46
C VAL B 138 -1.30 -6.06 -2.25
N SER B 139 -1.53 -7.13 -1.49
CA SER B 139 -0.83 -7.35 -0.21
C SER B 139 0.66 -7.62 -0.37
N GLN B 140 1.47 -6.61 -0.07
CA GLN B 140 2.93 -6.70 -0.21
C GLN B 140 3.59 -7.20 1.08
N LEU B 141 4.91 -7.28 1.05
CA LEU B 141 5.68 -7.78 2.18
C LEU B 141 6.15 -6.65 3.10
N LYS C 3 -11.03 -12.27 -28.31
CA LYS C 3 -9.90 -11.48 -27.84
C LYS C 3 -10.15 -9.98 -28.03
N GLY C 4 -9.89 -9.20 -26.99
CA GLY C 4 -10.21 -7.77 -27.02
C GLY C 4 -9.06 -6.89 -27.45
N LEU C 5 -9.26 -5.58 -27.33
CA LEU C 5 -8.21 -4.59 -27.57
C LEU C 5 -7.41 -4.33 -26.30
N THR C 6 -6.22 -3.75 -26.43
CA THR C 6 -5.46 -3.35 -25.26
C THR C 6 -5.99 -2.01 -24.77
N GLU C 7 -5.55 -1.60 -23.59
CA GLU C 7 -6.01 -0.34 -23.04
C GLU C 7 -5.57 0.82 -23.92
N ASP C 8 -4.31 0.77 -24.39
CA ASP C 8 -3.76 1.84 -25.21
C ASP C 8 -4.50 2.05 -26.52
N GLU C 9 -4.97 0.98 -27.15
CA GLU C 9 -5.69 1.17 -28.40
C GLU C 9 -7.15 1.57 -28.14
N VAL C 10 -7.71 1.14 -27.01
CA VAL C 10 -9.04 1.64 -26.62
C VAL C 10 -8.96 3.17 -26.52
N GLN C 11 -8.00 3.64 -25.73
CA GLN C 11 -7.79 5.08 -25.58
C GLN C 11 -7.54 5.77 -26.92
N THR C 12 -6.76 5.13 -27.79
CA THR C 12 -6.40 5.74 -29.06
C THR C 12 -7.61 5.95 -29.96
N VAL C 13 -8.47 4.94 -30.05
CA VAL C 13 -9.70 5.08 -30.83
C VAL C 13 -10.58 6.20 -30.25
N VAL C 14 -10.64 6.32 -28.92
CA VAL C 14 -11.45 7.37 -28.32
C VAL C 14 -10.93 8.77 -28.70
N ASN C 16 -9.16 9.57 -31.36
CA ASN C 16 -9.38 9.81 -32.78
C ASN C 16 -10.83 10.19 -33.04
N TRP C 17 -11.75 9.55 -32.32
CA TRP C 17 -13.17 9.95 -32.37
C TRP C 17 -13.36 11.42 -31.96
N SER C 18 -12.67 11.85 -30.90
CA SER C 18 -12.84 13.20 -30.39
C SER C 18 -12.27 14.26 -31.35
N LYS C 19 -11.32 13.86 -32.19
CA LYS C 19 -10.77 14.77 -33.20
C LYS C 19 -11.81 15.19 -34.23
N ARG C 20 -12.85 14.39 -34.39
CA ARG C 20 -13.89 14.65 -35.37
C ARG C 20 -15.15 15.24 -34.73
N GLN C 21 -15.10 15.51 -33.43
CA GLN C 21 -16.21 16.18 -32.75
C GLN C 21 -15.86 17.65 -32.57
N LYS C 22 -16.86 18.52 -32.65
CA LYS C 22 -16.63 19.95 -32.51
C LYS C 22 -17.18 20.45 -31.20
N PHE C 23 -16.37 21.22 -30.47
CA PHE C 23 -16.84 21.91 -29.28
C PHE C 23 -16.40 23.36 -29.36
N LYS C 24 -17.38 24.26 -29.47
CA LYS C 24 -17.12 25.70 -29.59
C LYS C 24 -16.14 26.01 -30.72
N GLY C 25 -16.39 25.42 -31.89
CA GLY C 25 -15.64 25.77 -33.09
C GLY C 25 -14.24 25.19 -33.18
N ARG C 26 -13.96 24.14 -32.42
CA ARG C 26 -12.69 23.45 -32.55
C ARG C 26 -12.85 22.00 -32.12
N PRO C 27 -11.90 21.13 -32.49
CA PRO C 27 -12.06 19.71 -32.15
C PRO C 27 -12.14 19.48 -30.65
N LEU C 28 -13.08 18.63 -30.24
CA LEU C 28 -13.20 18.24 -28.84
C LEU C 28 -11.87 17.74 -28.27
N PHE C 29 -11.10 17.07 -29.13
CA PHE C 29 -9.74 16.59 -28.85
C PHE C 29 -8.85 17.65 -28.19
N ASP C 30 -9.05 18.91 -28.57
CA ASP C 30 -8.19 19.98 -28.08
C ASP C 30 -8.37 20.20 -26.57
N TYR C 31 -9.52 19.81 -26.03
CA TYR C 31 -9.84 20.01 -24.62
C TYR C 31 -9.50 18.80 -23.77
N ILE C 32 -8.96 17.76 -24.39
CA ILE C 32 -8.62 16.53 -23.68
C ILE C 32 -7.12 16.44 -23.47
N HIS C 33 -6.72 16.19 -22.23
CA HIS C 33 -5.32 16.01 -21.90
C HIS C 33 -5.15 14.63 -21.31
N HIS C 34 -4.03 14.00 -21.63
CA HIS C 34 -3.69 12.71 -21.04
C HIS C 34 -2.46 12.89 -20.18
N SER C 35 -2.53 12.39 -18.95
CA SER C 35 -1.41 12.41 -18.04
C SER C 35 -0.83 11.00 -17.98
N PRO C 36 0.37 10.81 -18.55
CA PRO C 36 1.02 9.50 -18.64
C PRO C 36 1.61 9.05 -17.30
N ALA C 56 11.13 7.88 -10.83
CA ALA C 56 11.02 6.66 -10.04
C ALA C 56 10.44 6.98 -8.66
N ALA C 57 11.18 7.77 -7.90
CA ALA C 57 10.71 8.30 -6.63
C ALA C 57 10.66 9.82 -6.71
N LYS C 58 11.30 10.34 -7.76
CA LYS C 58 11.32 11.78 -8.02
C LYS C 58 9.95 12.27 -8.48
N PHE C 59 9.27 11.47 -9.32
CA PHE C 59 7.97 11.86 -9.85
C PHE C 59 6.93 12.00 -8.74
N LYS C 60 7.00 11.10 -7.76
CA LYS C 60 6.18 11.19 -6.57
C LYS C 60 6.44 12.53 -5.86
N ARG C 61 7.72 12.87 -5.66
CA ARG C 61 8.10 14.12 -5.02
C ARG C 61 7.72 15.35 -5.85
N GLY C 63 5.06 15.46 -7.45
CA GLY C 63 3.61 15.52 -7.40
C GLY C 63 2.79 14.58 -8.28
N VAL C 64 3.46 13.72 -9.04
CA VAL C 64 2.71 12.80 -9.87
C VAL C 64 1.91 11.85 -8.99
N LYS C 65 0.60 11.81 -9.20
CA LYS C 65 -0.26 10.92 -8.43
C LYS C 65 -0.45 9.57 -9.11
N ALA C 66 0.04 8.52 -8.48
CA ALA C 66 -0.30 7.17 -8.89
C ALA C 66 -1.81 7.03 -8.89
N GLY C 67 -2.36 6.42 -9.93
CA GLY C 67 -3.80 6.23 -9.98
C GLY C 67 -4.63 7.42 -10.45
N TYR C 68 -3.99 8.51 -10.86
CA TYR C 68 -4.76 9.61 -11.46
C TYR C 68 -5.38 9.10 -12.77
N PRO C 69 -6.65 9.46 -13.03
CA PRO C 69 -7.35 9.00 -14.24
C PRO C 69 -6.65 9.36 -15.55
N ASP C 70 -6.83 8.51 -16.54
CA ASP C 70 -6.21 8.67 -17.85
C ASP C 70 -6.60 9.94 -18.60
N LEU C 71 -7.88 10.29 -18.56
CA LEU C 71 -8.38 11.42 -19.34
C LEU C 71 -8.80 12.57 -18.47
N ILE C 72 -8.24 13.74 -18.80
CA ILE C 72 -8.67 15.00 -18.22
C ILE C 72 -9.39 15.80 -19.28
N ILE C 73 -10.66 16.11 -19.06
CA ILE C 73 -11.36 16.97 -19.99
C ILE C 73 -11.69 18.28 -19.32
N ASP C 74 -11.01 19.34 -19.76
CA ASP C 74 -11.10 20.62 -19.09
C ASP C 74 -12.28 21.42 -19.59
N ILE C 75 -13.46 20.87 -19.36
CA ILE C 75 -14.71 21.54 -19.69
C ILE C 75 -15.68 21.28 -18.55
N ALA C 76 -16.28 22.35 -18.04
CA ALA C 76 -17.32 22.23 -17.03
C ALA C 76 -18.68 22.13 -17.72
N ARG C 77 -19.47 21.14 -17.33
CA ARG C 77 -20.80 20.93 -17.91
C ARG C 77 -21.73 20.53 -16.80
N GLY C 78 -22.98 20.97 -16.89
CA GLY C 78 -23.98 20.62 -15.90
C GLY C 78 -23.46 20.96 -14.51
N ALA C 79 -23.54 20.01 -13.61
CA ALA C 79 -23.15 20.23 -12.22
C ALA C 79 -21.63 20.22 -11.96
N TYR C 80 -20.83 19.84 -12.95
CA TYR C 80 -19.43 19.47 -12.68
C TYR C 80 -18.37 20.48 -13.11
N HIS C 81 -17.22 20.46 -12.43
CA HIS C 81 -16.10 21.36 -12.72
C HIS C 81 -15.17 20.84 -13.79
N GLY C 82 -15.42 19.62 -14.23
CA GLY C 82 -14.61 19.00 -15.28
C GLY C 82 -14.89 17.52 -15.30
N LEU C 83 -14.31 16.83 -16.27
CA LEU C 83 -14.52 15.39 -16.45
C LEU C 83 -13.20 14.63 -16.34
N ARG C 84 -13.24 13.49 -15.66
CA ARG C 84 -12.07 12.65 -15.47
C ARG C 84 -12.55 11.24 -15.79
N ILE C 85 -11.81 10.53 -16.63
CA ILE C 85 -12.14 9.16 -16.95
C ILE C 85 -10.95 8.24 -16.76
N GLU C 86 -11.13 7.22 -15.93
CA GLU C 86 -10.14 6.13 -15.80
C GLU C 86 -10.56 5.05 -16.78
N ILE C 87 -9.73 4.79 -17.79
CA ILE C 87 -10.08 3.85 -18.85
C ILE C 87 -9.62 2.44 -18.52
N LYS C 88 -10.49 1.46 -18.73
CA LYS C 88 -10.11 0.04 -18.71
C LYS C 88 -10.42 -0.58 -20.06
N LYS C 89 -9.68 -1.62 -20.46
CA LYS C 89 -9.83 -2.13 -21.83
C LYS C 89 -11.16 -2.85 -22.02
N ASP C 90 -11.62 -3.55 -20.99
CA ASP C 90 -12.88 -4.30 -21.02
C ASP C 90 -13.39 -4.55 -19.61
N GLY C 91 -14.52 -5.25 -19.52
CA GLY C 91 -15.17 -5.53 -18.25
C GLY C 91 -14.40 -6.40 -17.26
N ASN C 92 -13.33 -7.04 -17.72
CA ASN C 92 -12.52 -7.89 -16.86
C ASN C 92 -11.34 -7.17 -16.21
N SER C 93 -11.22 -5.87 -16.46
CA SER C 93 -10.22 -5.02 -15.84
C SER C 93 -10.90 -4.13 -14.80
N TYR C 94 -10.21 -3.90 -13.68
CA TYR C 94 -10.81 -3.16 -12.57
C TYR C 94 -9.86 -2.09 -12.05
N ALA C 95 -10.44 -1.00 -11.57
CA ALA C 95 -9.67 0.07 -10.95
C ALA C 95 -8.90 -0.44 -9.73
N THR C 96 -7.65 -0.01 -9.59
CA THR C 96 -6.83 -0.32 -8.42
C THR C 96 -7.37 0.47 -7.21
N PRO C 97 -7.00 0.04 -5.99
CA PRO C 97 -7.35 0.85 -4.81
C PRO C 97 -6.96 2.32 -4.97
N ALA C 98 -5.77 2.60 -5.49
CA ALA C 98 -5.31 3.97 -5.63
C ALA C 98 -6.17 4.74 -6.63
N GLN C 99 -6.56 4.09 -7.72
CA GLN C 99 -7.42 4.70 -8.73
C GLN C 99 -8.81 5.00 -8.16
N LYS C 100 -9.35 4.07 -7.39
CA LYS C 100 -10.65 4.27 -6.77
C LYS C 100 -10.58 5.41 -5.77
N GLU C 101 -9.48 5.48 -5.02
CA GLU C 101 -9.30 6.53 -4.02
C GLU C 101 -9.22 7.90 -4.70
N ARG C 102 -8.50 7.98 -5.82
CA ARG C 102 -8.38 9.23 -6.56
C ARG C 102 -9.71 9.70 -7.18
N ILE C 103 -10.47 8.76 -7.77
CA ILE C 103 -11.82 9.04 -8.27
C ILE C 103 -12.75 9.57 -7.17
N GLU C 104 -12.63 9.01 -5.97
CA GLU C 104 -13.38 9.47 -4.80
C GLU C 104 -13.07 10.92 -4.45
N LEU C 106 -11.79 13.24 -6.42
CA LEU C 106 -12.25 14.08 -7.52
C LEU C 106 -13.76 14.32 -7.43
N ALA C 107 -14.51 13.25 -7.20
CA ALA C 107 -15.96 13.34 -7.08
C ALA C 107 -16.35 14.25 -5.92
N LYS C 108 -15.67 14.06 -4.80
CA LYS C 108 -15.88 14.90 -3.62
C LYS C 108 -15.66 16.38 -3.93
N GLU C 109 -14.73 16.69 -4.84
CA GLU C 109 -14.48 18.09 -5.18
C GLU C 109 -15.33 18.59 -6.36
N GLY C 110 -16.32 17.80 -6.77
CA GLY C 110 -17.30 18.27 -7.76
C GLY C 110 -16.95 18.01 -9.21
N TYR C 111 -15.95 17.17 -9.45
CA TYR C 111 -15.66 16.70 -10.82
C TYR C 111 -16.49 15.46 -11.15
N CYS C 112 -16.82 15.28 -12.42
CA CYS C 112 -17.43 14.05 -12.86
C CYS C 112 -16.25 13.11 -13.08
N ALA C 113 -16.15 12.08 -12.24
CA ALA C 113 -15.02 11.17 -12.28
C ALA C 113 -15.52 9.74 -12.26
N VAL C 114 -15.17 8.99 -13.30
CA VAL C 114 -15.68 7.63 -13.47
C VAL C 114 -14.66 6.70 -14.10
N VAL C 115 -14.92 5.41 -13.88
CA VAL C 115 -14.24 4.35 -14.60
C VAL C 115 -15.13 3.96 -15.77
N ALA C 116 -14.58 3.95 -16.98
CA ALA C 116 -15.34 3.51 -18.14
C ALA C 116 -14.55 2.43 -18.86
N LYS C 117 -15.23 1.35 -19.26
CA LYS C 117 -14.54 0.17 -19.76
C LYS C 117 -14.97 -0.14 -21.18
N GLY C 118 -14.01 -0.13 -22.10
CA GLY C 118 -14.29 -0.39 -23.51
C GLY C 118 -14.56 0.91 -24.24
N ILE C 119 -14.37 0.89 -25.56
CA ILE C 119 -14.50 2.11 -26.37
C ILE C 119 -15.89 2.74 -26.32
N ASP C 120 -16.93 1.93 -26.50
CA ASP C 120 -18.31 2.43 -26.50
C ASP C 120 -18.60 3.19 -25.20
N ASN C 121 -18.24 2.59 -24.07
CA ASN C 121 -18.56 3.18 -22.79
C ASN C 121 -17.81 4.47 -22.50
N VAL C 122 -16.56 4.58 -22.94
CA VAL C 122 -15.80 5.80 -22.73
C VAL C 122 -16.39 6.95 -23.58
N ILE C 123 -16.74 6.63 -24.82
CA ILE C 123 -17.31 7.63 -25.71
C ILE C 123 -18.69 8.05 -25.21
N SER C 124 -19.48 7.08 -24.78
CA SER C 124 -20.80 7.38 -24.21
C SER C 124 -20.68 8.35 -23.03
N VAL C 125 -19.71 8.12 -22.15
CA VAL C 125 -19.51 9.00 -21.00
C VAL C 125 -19.19 10.41 -21.45
N ILE C 126 -18.28 10.55 -22.40
CA ILE C 126 -17.93 11.88 -22.89
C ILE C 126 -19.15 12.56 -23.53
N GLN C 127 -19.90 11.81 -24.33
CA GLN C 127 -21.12 12.36 -24.93
C GLN C 127 -22.18 12.81 -23.92
N GLN C 128 -22.50 11.94 -22.97
CA GLN C 128 -23.47 12.28 -21.93
C GLN C 128 -23.01 13.51 -21.16
N TYR C 129 -21.72 13.57 -20.87
CA TYR C 129 -21.17 14.70 -20.13
C TYR C 129 -21.36 16.02 -20.86
N ILE C 130 -20.98 16.05 -22.13
CA ILE C 130 -21.13 17.27 -22.93
C ILE C 130 -22.60 17.64 -23.07
N LYS C 131 -23.46 16.62 -23.17
CA LYS C 131 -24.89 16.85 -23.39
C LYS C 131 -25.59 17.34 -22.14
N LEU C 132 -24.90 17.35 -21.00
CA LEU C 132 -25.42 18.01 -19.80
C LEU C 132 -25.58 19.51 -20.03
N GLY C 133 -24.86 20.05 -21.02
CA GLY C 133 -24.99 21.45 -21.37
C GLY C 133 -24.14 22.37 -20.53
N ASP C 134 -24.43 23.68 -20.61
CA ASP C 134 -23.62 24.67 -19.92
C ASP C 134 -23.56 24.40 -18.42
N PHE C 135 -22.46 24.78 -17.78
CA PHE C 135 -22.34 24.62 -16.33
C PHE C 135 -23.48 25.32 -15.62
N ASP C 136 -24.20 24.57 -14.79
CA ASP C 136 -25.28 25.16 -14.00
C ASP C 136 -25.20 24.77 -12.52
N GLY C 137 -24.20 23.98 -12.18
CA GLY C 137 -24.04 23.55 -10.80
C GLY C 137 -25.12 22.61 -10.30
N VAL C 138 -25.99 22.11 -11.17
CA VAL C 138 -27.07 21.24 -10.72
C VAL C 138 -27.30 19.96 -11.52
N SER C 139 -27.00 19.98 -12.82
CA SER C 139 -27.39 18.87 -13.71
C SER C 139 -26.38 17.73 -13.65
N GLN C 140 -26.80 16.62 -13.04
CA GLN C 140 -25.90 15.47 -12.81
C GLN C 140 -26.01 14.39 -13.87
N LEU C 141 -24.96 13.58 -13.97
CA LEU C 141 -24.94 12.46 -14.91
C LEU C 141 -25.99 11.44 -14.49
N THR C 142 -26.67 10.87 -15.49
CA THR C 142 -27.87 10.02 -15.31
C THR C 142 -28.69 10.34 -14.08
N ARG D 1 -39.72 -2.83 20.23
CA ARG D 1 -39.50 -4.24 20.60
C ARG D 1 -38.40 -4.88 19.74
N LEU D 2 -38.14 -6.16 19.99
CA LEU D 2 -36.95 -6.86 19.48
C LEU D 2 -35.67 -6.09 19.79
N LYS D 3 -34.85 -6.66 20.66
CA LYS D 3 -33.63 -6.00 21.07
C LYS D 3 -32.58 -6.12 19.95
N GLY D 4 -31.68 -5.15 19.83
CA GLY D 4 -30.57 -5.29 18.90
C GLY D 4 -29.42 -6.12 19.49
N LEU D 5 -28.25 -6.05 18.87
CA LEU D 5 -27.04 -6.65 19.45
C LEU D 5 -26.64 -5.99 20.77
N THR D 6 -26.03 -6.76 21.67
CA THR D 6 -25.48 -6.16 22.88
C THR D 6 -24.16 -5.53 22.53
N GLU D 7 -23.63 -4.68 23.41
CA GLU D 7 -22.33 -4.06 23.19
C GLU D 7 -21.21 -5.10 23.22
N ASP D 8 -21.32 -6.07 24.13
CA ASP D 8 -20.37 -7.19 24.16
C ASP D 8 -20.35 -7.92 22.81
N GLU D 9 -21.54 -8.19 22.27
CA GLU D 9 -21.66 -8.85 20.95
C GLU D 9 -21.01 -8.01 19.82
N VAL D 10 -21.31 -6.72 19.80
CA VAL D 10 -20.74 -5.84 18.79
C VAL D 10 -19.21 -5.85 18.86
N GLN D 11 -18.67 -5.67 20.06
CA GLN D 11 -17.22 -5.67 20.26
C GLN D 11 -16.60 -7.00 19.88
N THR D 12 -17.25 -8.10 20.22
CA THR D 12 -16.71 -9.42 19.91
C THR D 12 -16.63 -9.63 18.40
N VAL D 13 -17.68 -9.25 17.67
CA VAL D 13 -17.64 -9.39 16.19
C VAL D 13 -16.49 -8.56 15.59
N VAL D 14 -16.31 -7.34 16.08
CA VAL D 14 -15.20 -6.48 15.65
C VAL D 14 -13.84 -7.13 15.91
N ASN D 16 -13.24 -10.38 16.27
CA ASN D 16 -13.14 -11.51 15.35
C ASN D 16 -12.81 -11.06 13.94
N TRP D 17 -13.38 -9.95 13.49
CA TRP D 17 -13.02 -9.39 12.20
C TRP D 17 -11.52 -9.03 12.21
N SER D 18 -11.02 -8.45 13.30
CA SER D 18 -9.63 -7.98 13.31
C SER D 18 -8.61 -9.13 13.29
N LYS D 19 -9.04 -10.33 13.70
CA LYS D 19 -8.15 -11.47 13.72
C LYS D 19 -7.84 -11.92 12.29
N ARG D 20 -8.67 -11.49 11.35
CA ARG D 20 -8.54 -11.89 9.95
C ARG D 20 -7.86 -10.81 9.09
N GLN D 21 -7.57 -9.66 9.68
CA GLN D 21 -6.79 -8.64 8.97
C GLN D 21 -5.35 -8.69 9.42
N LYS D 22 -4.48 -8.05 8.66
CA LYS D 22 -3.05 -8.06 8.96
C LYS D 22 -2.49 -6.65 9.09
N PHE D 23 -1.51 -6.47 9.97
CA PHE D 23 -0.75 -5.23 10.02
C PHE D 23 0.70 -5.55 10.37
N LYS D 24 1.61 -5.18 9.47
CA LYS D 24 3.03 -5.48 9.61
C LYS D 24 3.30 -6.96 9.86
N GLY D 25 2.58 -7.82 9.15
CA GLY D 25 2.85 -9.24 9.21
C GLY D 25 2.21 -9.99 10.38
N ARG D 26 1.30 -9.36 11.12
CA ARG D 26 0.61 -10.11 12.16
C ARG D 26 -0.86 -9.69 12.19
N PRO D 27 -1.71 -10.49 12.88
CA PRO D 27 -3.13 -10.13 12.92
C PRO D 27 -3.34 -8.73 13.49
N LEU D 28 -4.23 -7.96 12.87
CA LEU D 28 -4.51 -6.61 13.36
C LEU D 28 -4.96 -6.67 14.83
N PHE D 29 -5.63 -7.77 15.18
CA PHE D 29 -6.08 -8.08 16.54
C PHE D 29 -4.98 -7.87 17.58
N ASP D 30 -3.73 -8.16 17.22
CA ASP D 30 -2.61 -8.05 18.13
C ASP D 30 -2.34 -6.62 18.55
N TYR D 31 -2.78 -5.65 17.75
CA TYR D 31 -2.55 -4.26 18.05
C TYR D 31 -3.72 -3.62 18.76
N ILE D 32 -4.76 -4.40 19.01
CA ILE D 32 -5.94 -3.86 19.67
C ILE D 32 -6.01 -4.34 21.15
N HIS D 33 -6.12 -3.39 22.08
CA HIS D 33 -6.28 -3.75 23.48
C HIS D 33 -7.62 -3.20 23.97
N HIS D 34 -8.32 -4.00 24.75
CA HIS D 34 -9.51 -3.55 25.43
C HIS D 34 -9.20 -3.37 26.92
N SER D 35 -9.44 -2.16 27.42
CA SER D 35 -9.39 -1.88 28.84
C SER D 35 -10.80 -2.07 29.38
N PRO D 36 -10.99 -3.11 30.20
CA PRO D 36 -12.33 -3.49 30.66
C PRO D 36 -12.85 -2.60 31.79
N ALA D 56 -13.09 -1.30 43.23
CA ALA D 56 -14.03 -0.24 42.87
C ALA D 56 -13.41 1.13 43.11
N ALA D 57 -13.25 1.50 44.37
CA ALA D 57 -12.54 2.71 44.76
C ALA D 57 -11.04 2.49 44.58
N LYS D 58 -10.61 1.24 44.76
CA LYS D 58 -9.22 0.89 44.64
C LYS D 58 -8.77 1.09 43.20
N PHE D 59 -9.59 0.67 42.26
CA PHE D 59 -9.25 0.83 40.85
C PHE D 59 -9.05 2.31 40.49
N LYS D 60 -9.85 3.19 41.05
CA LYS D 60 -9.68 4.61 40.76
C LYS D 60 -8.32 5.11 41.25
N ARG D 61 -7.92 4.75 42.46
CA ARG D 61 -6.64 5.21 42.97
C ARG D 61 -5.47 4.46 42.31
N GLY D 63 -5.44 4.25 39.21
CA GLY D 63 -5.31 5.00 37.96
C GLY D 63 -6.33 4.67 36.88
N VAL D 64 -7.27 3.77 37.17
CA VAL D 64 -8.28 3.40 36.17
C VAL D 64 -9.19 4.59 35.92
N LYS D 65 -9.35 4.97 34.66
CA LYS D 65 -10.16 6.15 34.36
C LYS D 65 -11.56 5.78 33.88
N ALA D 66 -12.57 6.31 34.58
CA ALA D 66 -13.95 6.13 34.20
C ALA D 66 -14.20 6.71 32.81
N GLY D 67 -14.90 5.96 31.97
CA GLY D 67 -15.22 6.49 30.65
C GLY D 67 -14.09 6.40 29.64
N TYR D 68 -13.04 5.64 29.94
CA TYR D 68 -11.95 5.46 28.97
C TYR D 68 -12.52 4.65 27.80
N PRO D 69 -12.17 5.02 26.56
CA PRO D 69 -12.71 4.31 25.37
C PRO D 69 -12.46 2.81 25.43
N ASP D 70 -13.32 2.05 24.77
CA ASP D 70 -13.26 0.59 24.83
C ASP D 70 -12.04 0.02 24.12
N LEU D 71 -11.70 0.62 22.98
CA LEU D 71 -10.66 0.06 22.14
C LEU D 71 -9.44 0.95 22.08
N ILE D 72 -8.29 0.36 22.33
CA ILE D 72 -7.02 1.04 22.22
C ILE D 72 -6.26 0.44 21.06
N ILE D 73 -5.94 1.23 20.05
CA ILE D 73 -5.16 0.68 18.93
C ILE D 73 -3.85 1.44 18.91
N ASP D 74 -2.77 0.74 19.26
CA ASP D 74 -1.44 1.33 19.45
C ASP D 74 -0.63 1.41 18.16
N ILE D 75 -1.13 2.19 17.21
CA ILE D 75 -0.52 2.39 15.92
C ILE D 75 -0.75 3.85 15.59
N ALA D 76 0.30 4.59 15.26
CA ALA D 76 0.13 5.98 14.84
C ALA D 76 -0.06 6.05 13.32
N ARG D 77 -1.13 6.72 12.86
CA ARG D 77 -1.40 6.86 11.42
C ARG D 77 -1.83 8.30 11.12
N GLY D 78 -1.48 8.79 9.94
CA GLY D 78 -1.81 10.15 9.55
C GLY D 78 -1.43 11.15 10.64
N ALA D 79 -2.41 11.94 11.07
CA ALA D 79 -2.15 13.01 12.01
C ALA D 79 -2.00 12.52 13.45
N TYR D 80 -2.26 11.24 13.69
CA TYR D 80 -2.58 10.82 15.05
C TYR D 80 -1.56 9.94 15.74
N HIS D 81 -1.49 10.05 17.06
CA HIS D 81 -0.53 9.27 17.86
C HIS D 81 -1.05 7.89 18.21
N GLY D 82 -2.31 7.64 17.87
CA GLY D 82 -2.94 6.36 18.18
C GLY D 82 -4.44 6.48 17.98
N LEU D 83 -5.13 5.36 18.03
CA LEU D 83 -6.58 5.36 17.85
C LEU D 83 -7.30 4.89 19.09
N ARG D 84 -8.39 5.59 19.42
CA ARG D 84 -9.27 5.18 20.51
C ARG D 84 -10.71 5.13 20.00
N ILE D 85 -11.44 4.08 20.35
CA ILE D 85 -12.85 4.04 19.98
C ILE D 85 -13.74 3.74 21.16
N GLU D 86 -14.72 4.61 21.38
CA GLU D 86 -15.81 4.36 22.33
C GLU D 86 -16.94 3.68 21.56
N ILE D 87 -17.17 2.41 21.85
CA ILE D 87 -18.14 1.61 21.10
C ILE D 87 -19.54 1.71 21.70
N LYS D 88 -20.55 1.94 20.85
CA LYS D 88 -21.95 1.83 21.29
C LYS D 88 -22.59 0.72 20.49
N LYS D 89 -23.58 0.04 21.05
CA LYS D 89 -24.13 -1.14 20.42
C LYS D 89 -24.99 -0.79 19.20
N ASP D 90 -25.57 0.41 19.20
CA ASP D 90 -26.42 0.86 18.06
C ASP D 90 -26.69 2.35 18.20
N GLY D 91 -27.52 2.89 17.32
CA GLY D 91 -27.74 4.33 17.27
C GLY D 91 -28.62 4.90 18.36
N ASN D 92 -29.25 4.03 19.14
CA ASN D 92 -30.07 4.46 20.28
C ASN D 92 -29.31 4.50 21.63
N SER D 93 -27.98 4.36 21.55
CA SER D 93 -27.11 4.44 22.72
C SER D 93 -26.15 5.60 22.54
N TYR D 94 -25.83 6.28 23.64
CA TYR D 94 -25.08 7.53 23.59
C TYR D 94 -23.92 7.56 24.58
N ALA D 95 -22.88 8.29 24.21
CA ALA D 95 -21.72 8.46 25.07
C ALA D 95 -22.06 9.25 26.32
N THR D 96 -21.49 8.87 27.45
CA THR D 96 -21.72 9.58 28.70
C THR D 96 -20.85 10.85 28.75
N PRO D 97 -21.15 11.78 29.69
CA PRO D 97 -20.26 12.95 29.81
C PRO D 97 -18.78 12.57 30.10
N ALA D 98 -18.53 11.57 30.92
CA ALA D 98 -17.15 11.15 31.19
C ALA D 98 -16.46 10.59 29.94
N GLN D 99 -17.21 9.84 29.13
CA GLN D 99 -16.65 9.29 27.90
C GLN D 99 -16.35 10.42 26.92
N LYS D 100 -17.27 11.38 26.82
CA LYS D 100 -17.06 12.54 25.97
C LYS D 100 -15.87 13.38 26.42
N GLU D 101 -15.74 13.62 27.72
CA GLU D 101 -14.58 14.33 28.25
C GLU D 101 -13.24 13.62 27.95
N ARG D 102 -13.20 12.31 28.15
CA ARG D 102 -11.99 11.54 27.89
C ARG D 102 -11.62 11.57 26.40
N ILE D 103 -12.64 11.48 25.53
CA ILE D 103 -12.42 11.61 24.11
C ILE D 103 -11.84 12.99 23.76
N GLU D 104 -12.37 14.05 24.37
CA GLU D 104 -11.84 15.40 24.13
C GLU D 104 -10.38 15.52 24.60
N LEU D 106 -8.16 13.08 24.81
CA LEU D 106 -7.39 12.31 23.86
C LEU D 106 -7.16 13.06 22.55
N ALA D 107 -8.23 13.64 22.00
CA ALA D 107 -8.14 14.42 20.76
C ALA D 107 -7.18 15.60 20.94
N LYS D 108 -7.30 16.29 22.07
CA LYS D 108 -6.44 17.45 22.36
C LYS D 108 -4.96 17.05 22.37
N GLU D 109 -4.69 15.81 22.79
CA GLU D 109 -3.31 15.32 22.84
C GLU D 109 -2.86 14.65 21.54
N GLY D 110 -3.71 14.72 20.51
CA GLY D 110 -3.32 14.25 19.19
C GLY D 110 -3.67 12.81 18.87
N TYR D 111 -4.56 12.21 19.64
CA TYR D 111 -5.05 10.87 19.33
C TYR D 111 -6.31 10.98 18.48
N CYS D 112 -6.56 9.96 17.67
CA CYS D 112 -7.84 9.87 17.00
C CYS D 112 -8.78 9.17 17.96
N ALA D 113 -9.83 9.87 18.38
CA ALA D 113 -10.69 9.34 19.43
C ALA D 113 -12.13 9.64 19.08
N VAL D 114 -12.91 8.60 18.82
CA VAL D 114 -14.26 8.77 18.32
C VAL D 114 -15.24 7.80 18.95
N VAL D 115 -16.51 8.19 18.95
CA VAL D 115 -17.59 7.25 19.25
C VAL D 115 -17.99 6.56 17.94
N ALA D 116 -18.17 5.25 17.96
CA ALA D 116 -18.66 4.55 16.79
C ALA D 116 -19.74 3.57 17.20
N LYS D 117 -20.85 3.55 16.45
CA LYS D 117 -22.03 2.79 16.89
C LYS D 117 -22.40 1.66 15.93
N GLY D 118 -22.39 0.45 16.44
CA GLY D 118 -22.69 -0.72 15.63
C GLY D 118 -21.43 -1.30 15.02
N ILE D 119 -21.50 -2.57 14.64
CA ILE D 119 -20.33 -3.25 14.12
C ILE D 119 -19.72 -2.56 12.89
N ASP D 120 -20.59 -2.27 11.93
CA ASP D 120 -20.13 -1.78 10.63
C ASP D 120 -19.43 -0.44 10.76
N ASN D 121 -19.92 0.44 11.63
CA ASN D 121 -19.30 1.74 11.82
C ASN D 121 -17.96 1.64 12.56
N VAL D 122 -17.89 0.77 13.56
CA VAL D 122 -16.61 0.55 14.25
C VAL D 122 -15.54 0.01 13.28
N ILE D 123 -15.92 -0.97 12.47
CA ILE D 123 -14.97 -1.51 11.50
C ILE D 123 -14.56 -0.42 10.49
N SER D 124 -15.53 0.36 10.06
CA SER D 124 -15.25 1.42 9.10
C SER D 124 -14.24 2.41 9.65
N VAL D 125 -14.38 2.79 10.91
CA VAL D 125 -13.41 3.72 11.53
C VAL D 125 -12.00 3.13 11.54
N ILE D 126 -11.88 1.87 11.93
CA ILE D 126 -10.57 1.21 11.99
C ILE D 126 -9.95 1.14 10.60
N GLN D 127 -10.77 0.80 9.60
CA GLN D 127 -10.30 0.80 8.20
C GLN D 127 -9.81 2.19 7.75
N GLN D 128 -10.63 3.22 7.98
CA GLN D 128 -10.27 4.58 7.58
C GLN D 128 -8.99 5.05 8.29
N TYR D 129 -8.85 4.67 9.56
CA TYR D 129 -7.69 5.08 10.36
C TYR D 129 -6.39 4.50 9.78
N ILE D 130 -6.39 3.19 9.59
CA ILE D 130 -5.23 2.53 8.99
C ILE D 130 -4.95 3.08 7.60
N LYS D 131 -6.00 3.39 6.84
CA LYS D 131 -5.84 3.89 5.47
C LYS D 131 -5.22 5.30 5.45
N LEU D 132 -5.14 5.97 6.60
CA LEU D 132 -4.50 7.30 6.62
C LEU D 132 -3.02 7.19 6.28
N GLY D 133 -2.44 6.01 6.52
CA GLY D 133 -1.06 5.77 6.12
C GLY D 133 -0.11 6.14 7.24
N ASP D 134 1.18 6.15 6.93
CA ASP D 134 2.21 6.41 7.92
C ASP D 134 1.98 7.75 8.60
N PHE D 135 2.43 7.86 9.85
CA PHE D 135 2.23 9.08 10.63
C PHE D 135 2.82 10.26 9.87
N ASP D 136 2.04 11.32 9.71
CA ASP D 136 2.58 12.51 9.02
C ASP D 136 2.23 13.81 9.77
N GLY D 137 1.49 13.68 10.86
CA GLY D 137 1.06 14.82 11.63
C GLY D 137 0.06 15.71 10.90
N VAL D 138 -0.48 15.23 9.78
CA VAL D 138 -1.39 16.06 8.97
C VAL D 138 -2.74 15.41 8.61
N SER D 139 -2.75 14.14 8.21
CA SER D 139 -3.97 13.54 7.61
C SER D 139 -4.99 13.10 8.63
N GLN D 140 -6.15 13.76 8.59
CA GLN D 140 -7.22 13.50 9.54
C GLN D 140 -8.23 12.49 9.04
N LEU D 141 -8.95 11.91 10.01
CA LEU D 141 -10.05 11.02 9.75
C LEU D 141 -11.17 11.74 9.00
N THR D 142 -11.45 12.97 9.42
CA THR D 142 -12.49 13.77 8.81
C THR D 142 -11.98 15.18 8.50
N ALA D 143 -12.79 15.96 7.79
CA ALA D 143 -12.43 17.33 7.46
C ALA D 143 -12.18 18.19 8.70
N ASP D 144 -12.97 17.99 9.76
CA ASP D 144 -12.87 18.88 10.92
C ASP D 144 -12.08 18.31 12.09
N LYS D 145 -11.80 17.01 12.06
CA LYS D 145 -11.15 16.34 13.19
C LYS D 145 -10.30 15.16 12.72
N LEU E 2 12.72 -41.84 -40.36
CA LEU E 2 12.23 -40.56 -39.87
C LEU E 2 12.76 -40.25 -38.48
N LYS E 3 13.99 -40.71 -38.20
CA LYS E 3 14.65 -40.49 -36.92
C LYS E 3 14.82 -39.00 -36.63
N GLY E 4 14.15 -38.51 -35.59
CA GLY E 4 14.06 -37.07 -35.36
C GLY E 4 15.08 -36.43 -34.43
N LEU E 5 14.77 -35.21 -34.01
CA LEU E 5 15.64 -34.42 -33.12
C LEU E 5 15.55 -34.90 -31.68
N THR E 6 16.61 -34.64 -30.91
CA THR E 6 16.64 -35.00 -29.50
C THR E 6 15.90 -33.94 -28.69
N GLU E 7 15.68 -34.21 -27.40
CA GLU E 7 14.96 -33.27 -26.56
C GLU E 7 15.80 -32.01 -26.39
N ASP E 8 17.08 -32.17 -26.07
CA ASP E 8 18.00 -31.04 -25.91
C ASP E 8 18.02 -30.16 -27.15
N GLU E 9 17.97 -30.78 -28.33
CA GLU E 9 17.97 -30.04 -29.58
C GLU E 9 16.70 -29.22 -29.70
N VAL E 10 15.57 -29.87 -29.42
CA VAL E 10 14.27 -29.20 -29.45
C VAL E 10 14.28 -27.99 -28.52
N GLN E 11 14.66 -28.21 -27.27
CA GLN E 11 14.73 -27.12 -26.29
C GLN E 11 15.63 -26.00 -26.78
N THR E 12 16.78 -26.37 -27.35
CA THR E 12 17.77 -25.39 -27.80
C THR E 12 17.26 -24.50 -28.96
N VAL E 13 16.57 -25.09 -29.93
CA VAL E 13 15.99 -24.31 -31.01
C VAL E 13 14.97 -23.30 -30.45
N VAL E 14 14.15 -23.77 -29.52
CA VAL E 14 13.16 -22.91 -28.87
C VAL E 14 13.83 -21.73 -28.16
N ASN E 16 16.81 -20.40 -28.83
CA ASN E 16 17.40 -19.49 -29.81
C ASN E 16 16.33 -18.62 -30.47
N TRP E 17 15.18 -19.22 -30.75
CA TRP E 17 14.03 -18.47 -31.25
C TRP E 17 13.65 -17.34 -30.28
N SER E 18 13.60 -17.65 -28.99
CA SER E 18 13.19 -16.68 -27.98
C SER E 18 14.15 -15.50 -27.85
N LYS E 19 15.37 -15.65 -28.35
CA LYS E 19 16.35 -14.57 -28.33
C LYS E 19 16.02 -13.49 -29.34
N ARG E 20 15.23 -13.85 -30.35
CA ARG E 20 14.90 -12.95 -31.45
C ARG E 20 13.53 -12.30 -31.25
N GLN E 21 12.82 -12.73 -30.21
CA GLN E 21 11.55 -12.11 -29.84
C GLN E 21 11.79 -11.05 -28.78
N LYS E 22 10.96 -10.02 -28.77
CA LYS E 22 11.12 -8.93 -27.81
C LYS E 22 9.96 -8.90 -26.83
N PHE E 23 10.27 -8.78 -25.55
CA PHE E 23 9.23 -8.57 -24.55
C PHE E 23 9.69 -7.50 -23.56
N LYS E 24 8.90 -6.44 -23.45
CA LYS E 24 9.20 -5.35 -22.53
C LYS E 24 10.56 -4.71 -22.81
N GLY E 25 10.91 -4.58 -24.09
CA GLY E 25 12.14 -3.91 -24.48
C GLY E 25 13.38 -4.77 -24.52
N ARG E 26 13.26 -6.05 -24.14
CA ARG E 26 14.39 -6.95 -24.13
C ARG E 26 14.01 -8.32 -24.69
N PRO E 27 15.01 -9.13 -25.10
CA PRO E 27 14.69 -10.46 -25.65
C PRO E 27 13.89 -11.33 -24.69
N LEU E 28 12.92 -12.06 -25.23
CA LEU E 28 12.06 -12.92 -24.43
C LEU E 28 12.88 -13.99 -23.71
N PHE E 29 13.96 -14.42 -24.36
CA PHE E 29 14.97 -15.29 -23.77
C PHE E 29 15.32 -14.93 -22.32
N ASP E 30 15.44 -13.64 -22.04
CA ASP E 30 15.81 -13.15 -20.70
C ASP E 30 14.84 -13.59 -19.59
N TYR E 31 13.59 -13.85 -19.95
CA TYR E 31 12.57 -14.20 -18.98
C TYR E 31 12.39 -15.70 -18.82
N ILE E 32 13.16 -16.46 -19.58
CA ILE E 32 13.05 -17.91 -19.53
C ILE E 32 14.21 -18.50 -18.76
N HIS E 33 13.90 -19.44 -17.87
CA HIS E 33 14.90 -20.11 -17.08
C HIS E 33 14.69 -21.60 -17.19
N HIS E 34 15.79 -22.34 -17.19
CA HIS E 34 15.74 -23.78 -17.22
C HIS E 34 16.46 -24.31 -16.01
N SER E 35 15.83 -25.25 -15.31
CA SER E 35 16.44 -25.87 -14.14
C SER E 35 16.89 -27.30 -14.42
N PRO E 36 18.21 -27.53 -14.49
CA PRO E 36 18.73 -28.88 -14.71
C PRO E 36 18.73 -29.72 -13.43
N ALA E 56 23.83 -36.47 -5.77
CA ALA E 56 22.90 -37.56 -6.06
C ALA E 56 21.57 -37.37 -5.33
N ALA E 57 21.57 -37.63 -4.03
CA ALA E 57 20.39 -37.40 -3.20
C ALA E 57 20.58 -36.11 -2.40
N LYS E 58 21.77 -35.55 -2.49
CA LYS E 58 22.09 -34.24 -1.92
C LYS E 58 21.18 -33.19 -2.55
N PHE E 59 20.91 -33.36 -3.85
CA PHE E 59 20.00 -32.50 -4.58
C PHE E 59 18.60 -32.53 -3.98
N LYS E 60 18.06 -33.74 -3.82
CA LYS E 60 16.71 -33.94 -3.35
C LYS E 60 16.51 -33.37 -1.94
N ARG E 61 17.52 -33.54 -1.08
CA ARG E 61 17.46 -33.02 0.27
C ARG E 61 17.57 -31.50 0.28
N GLY E 63 16.02 -29.62 -2.05
CA GLY E 63 14.84 -29.11 -2.72
C GLY E 63 14.64 -29.40 -4.20
N VAL E 64 15.65 -29.95 -4.87
CA VAL E 64 15.51 -30.23 -6.29
C VAL E 64 14.40 -31.25 -6.51
N LYS E 65 13.41 -30.88 -7.31
CA LYS E 65 12.26 -31.75 -7.52
C LYS E 65 12.39 -32.53 -8.82
N ALA E 66 12.31 -33.85 -8.70
CA ALA E 66 12.25 -34.72 -9.87
C ALA E 66 10.95 -34.50 -10.62
N GLY E 67 11.04 -34.30 -11.93
CA GLY E 67 9.85 -34.08 -12.73
C GLY E 67 9.39 -32.64 -12.80
N TYR E 68 10.23 -31.71 -12.36
CA TYR E 68 9.91 -30.29 -12.54
C TYR E 68 10.02 -29.97 -14.04
N PRO E 69 9.08 -29.17 -14.57
CA PRO E 69 9.11 -28.85 -16.01
C PRO E 69 10.42 -28.18 -16.47
N ASP E 70 10.80 -28.39 -17.73
CA ASP E 70 12.08 -27.89 -18.23
C ASP E 70 12.14 -26.37 -18.32
N LEU E 71 11.04 -25.77 -18.72
CA LEU E 71 11.03 -24.33 -18.95
C LEU E 71 10.20 -23.59 -17.93
N ILE E 72 10.83 -22.59 -17.34
CA ILE E 72 10.16 -21.65 -16.46
C ILE E 72 10.14 -20.31 -17.16
N ILE E 73 8.95 -19.75 -17.31
CA ILE E 73 8.82 -18.42 -17.89
C ILE E 73 8.18 -17.51 -16.86
N ASP E 74 9.00 -16.63 -16.30
CA ASP E 74 8.61 -15.77 -15.19
C ASP E 74 7.86 -14.53 -15.67
N ILE E 75 6.72 -14.76 -16.32
CA ILE E 75 5.83 -13.69 -16.78
C ILE E 75 4.39 -14.11 -16.52
N ALA E 76 3.63 -13.23 -15.90
CA ALA E 76 2.22 -13.46 -15.66
C ALA E 76 1.42 -12.90 -16.84
N ARG E 77 0.61 -13.75 -17.47
CA ARG E 77 -0.24 -13.33 -18.59
C ARG E 77 -1.63 -13.90 -18.41
N GLY E 78 -2.64 -13.14 -18.83
CA GLY E 78 -4.02 -13.57 -18.71
C GLY E 78 -4.37 -14.05 -17.31
N ALA E 79 -4.80 -15.30 -17.22
CA ALA E 79 -5.27 -15.88 -15.96
C ALA E 79 -4.16 -16.50 -15.09
N TYR E 80 -2.91 -16.42 -15.55
CA TYR E 80 -1.83 -17.22 -14.96
C TYR E 80 -0.71 -16.42 -14.31
N HIS E 81 -0.12 -17.00 -13.25
CA HIS E 81 1.02 -16.41 -12.53
C HIS E 81 2.37 -16.70 -13.17
N GLY E 82 2.37 -17.45 -14.27
CA GLY E 82 3.61 -17.88 -14.89
C GLY E 82 3.36 -19.04 -15.83
N LEU E 83 4.33 -19.30 -16.70
CA LEU E 83 4.20 -20.41 -17.63
C LEU E 83 5.24 -21.50 -17.30
N ARG E 84 4.80 -22.75 -17.33
CA ARG E 84 5.71 -23.89 -17.22
C ARG E 84 5.52 -24.83 -18.40
N ILE E 85 6.61 -25.25 -19.03
CA ILE E 85 6.51 -26.19 -20.12
C ILE E 85 7.40 -27.41 -19.90
N GLU E 86 6.78 -28.58 -19.88
CA GLU E 86 7.50 -29.84 -19.94
C GLU E 86 7.72 -30.18 -21.42
N ILE E 87 8.99 -30.18 -21.83
CA ILE E 87 9.32 -30.42 -23.25
C ILE E 87 9.53 -31.88 -23.55
N LYS E 88 8.87 -32.39 -24.60
CA LYS E 88 9.17 -33.71 -25.15
C LYS E 88 9.63 -33.55 -26.60
N LYS E 89 10.45 -34.48 -27.09
CA LYS E 89 10.98 -34.34 -28.44
C LYS E 89 9.89 -34.45 -29.50
N ASP E 90 8.98 -35.41 -29.36
CA ASP E 90 7.90 -35.56 -30.34
C ASP E 90 6.67 -36.23 -29.73
N GLY E 91 5.68 -36.52 -30.57
CA GLY E 91 4.45 -37.14 -30.13
C GLY E 91 4.58 -38.56 -29.61
N ASN E 92 5.76 -39.17 -29.80
CA ASN E 92 6.01 -40.52 -29.31
C ASN E 92 6.69 -40.60 -27.94
N SER E 93 6.88 -39.44 -27.31
CA SER E 93 7.43 -39.41 -25.95
C SER E 93 6.41 -38.83 -24.99
N TYR E 94 6.41 -39.31 -23.75
CA TYR E 94 5.36 -38.94 -22.80
C TYR E 94 5.89 -38.51 -21.44
N ALA E 95 5.09 -37.73 -20.73
CA ALA E 95 5.43 -37.28 -19.39
C ALA E 95 5.38 -38.43 -18.38
N THR E 96 6.42 -38.52 -17.56
CA THR E 96 6.47 -39.51 -16.48
C THR E 96 5.37 -39.23 -15.45
N PRO E 97 5.04 -40.24 -14.63
CA PRO E 97 4.06 -39.99 -13.55
C PRO E 97 4.45 -38.84 -12.61
N ALA E 98 5.75 -38.66 -12.36
CA ALA E 98 6.22 -37.57 -11.50
C ALA E 98 6.00 -36.22 -12.19
N GLN E 99 6.22 -36.19 -13.50
CA GLN E 99 6.05 -34.98 -14.30
C GLN E 99 4.59 -34.55 -14.38
N LYS E 100 3.69 -35.50 -14.54
CA LYS E 100 2.26 -35.21 -14.55
C LYS E 100 1.82 -34.65 -13.19
N GLU E 101 2.24 -35.29 -12.11
CA GLU E 101 1.86 -34.84 -10.77
C GLU E 101 2.29 -33.39 -10.55
N ARG E 102 3.52 -33.09 -10.95
CA ARG E 102 4.09 -31.75 -10.78
C ARG E 102 3.33 -30.71 -11.60
N ILE E 103 2.89 -31.12 -12.80
CA ILE E 103 2.18 -30.23 -13.69
C ILE E 103 0.78 -29.94 -13.16
N GLU E 104 0.14 -30.96 -12.59
CA GLU E 104 -1.15 -30.78 -11.93
C GLU E 104 -1.04 -29.83 -10.73
N LEU E 106 1.15 -27.44 -10.30
CA LEU E 106 1.37 -26.10 -10.83
C LEU E 106 0.08 -25.47 -11.36
N ALA E 107 -0.71 -26.27 -12.07
CA ALA E 107 -1.98 -25.78 -12.59
C ALA E 107 -2.89 -25.36 -11.43
N LYS E 108 -2.90 -26.17 -10.39
CA LYS E 108 -3.74 -25.89 -9.23
C LYS E 108 -3.37 -24.58 -8.54
N GLU E 109 -2.12 -24.15 -8.71
CA GLU E 109 -1.67 -22.91 -8.10
C GLU E 109 -1.76 -21.73 -9.08
N GLY E 110 -2.45 -21.93 -10.19
CA GLY E 110 -2.74 -20.86 -11.12
C GLY E 110 -1.67 -20.58 -12.16
N TYR E 111 -0.74 -21.52 -12.32
CA TYR E 111 0.29 -21.39 -13.34
C TYR E 111 -0.17 -22.03 -14.64
N CYS E 112 0.32 -21.55 -15.77
CA CYS E 112 0.03 -22.21 -17.03
C CYS E 112 1.07 -23.31 -17.19
N ALA E 113 0.63 -24.55 -17.00
CA ALA E 113 1.56 -25.68 -16.99
C ALA E 113 1.09 -26.72 -17.98
N VAL E 114 1.93 -26.98 -18.98
CA VAL E 114 1.57 -27.87 -20.08
C VAL E 114 2.72 -28.77 -20.51
N VAL E 115 2.38 -29.92 -21.08
CA VAL E 115 3.35 -30.72 -21.79
C VAL E 115 3.27 -30.35 -23.27
N ALA E 116 4.40 -29.98 -23.87
CA ALA E 116 4.45 -29.64 -25.30
C ALA E 116 5.52 -30.48 -25.98
N LYS E 117 5.21 -31.02 -27.15
CA LYS E 117 6.12 -31.96 -27.81
C LYS E 117 6.53 -31.46 -29.20
N GLY E 118 7.83 -31.32 -29.42
CA GLY E 118 8.34 -30.84 -30.69
C GLY E 118 8.48 -29.33 -30.67
N ILE E 119 9.29 -28.80 -31.59
CA ILE E 119 9.59 -27.38 -31.63
C ILE E 119 8.35 -26.52 -31.89
N ASP E 120 7.62 -26.82 -32.96
CA ASP E 120 6.41 -26.07 -33.31
C ASP E 120 5.44 -25.90 -32.14
N ASN E 121 5.11 -27.00 -31.47
CA ASN E 121 4.15 -26.97 -30.38
C ASN E 121 4.63 -26.13 -29.20
N VAL E 122 5.92 -26.25 -28.86
CA VAL E 122 6.48 -25.48 -27.74
C VAL E 122 6.44 -23.99 -28.04
N ILE E 123 6.87 -23.61 -29.24
CA ILE E 123 6.87 -22.22 -29.66
C ILE E 123 5.44 -21.68 -29.69
N SER E 124 4.53 -22.51 -30.18
CA SER E 124 3.11 -22.16 -30.26
C SER E 124 2.54 -21.78 -28.89
N VAL E 125 2.87 -22.56 -27.86
CA VAL E 125 2.39 -22.30 -26.49
C VAL E 125 2.94 -20.99 -25.96
N ILE E 126 4.24 -20.80 -26.10
CA ILE E 126 4.89 -19.57 -25.68
C ILE E 126 4.28 -18.33 -26.34
N GLN E 127 4.13 -18.32 -27.67
CA GLN E 127 3.62 -17.11 -28.30
C GLN E 127 2.14 -16.90 -27.95
N GLN E 128 1.42 -17.99 -27.76
CA GLN E 128 0.02 -17.97 -27.38
C GLN E 128 -0.17 -17.41 -25.95
N TYR E 129 0.72 -17.84 -25.07
CA TYR E 129 0.72 -17.37 -23.68
C TYR E 129 0.96 -15.87 -23.63
N ILE E 130 2.03 -15.43 -24.29
CA ILE E 130 2.36 -14.00 -24.33
C ILE E 130 1.20 -13.18 -24.89
N LYS E 131 0.58 -13.67 -25.96
CA LYS E 131 -0.53 -12.97 -26.58
C LYS E 131 -1.78 -12.87 -25.71
N LEU E 132 -1.79 -13.56 -24.56
CA LEU E 132 -2.94 -13.46 -23.66
C LEU E 132 -3.05 -12.05 -23.07
N GLY E 133 -1.98 -11.28 -23.17
CA GLY E 133 -1.98 -9.92 -22.69
C GLY E 133 -1.73 -9.85 -21.19
N ASP E 134 -1.86 -8.66 -20.63
CA ASP E 134 -1.58 -8.43 -19.22
C ASP E 134 -2.41 -9.34 -18.32
N PHE E 135 -1.83 -9.71 -17.18
CA PHE E 135 -2.52 -10.55 -16.20
C PHE E 135 -3.91 -10.00 -15.87
N ASP E 136 -4.94 -10.85 -15.99
CA ASP E 136 -6.31 -10.44 -15.67
C ASP E 136 -7.04 -11.45 -14.79
N GLY E 137 -6.47 -12.63 -14.63
CA GLY E 137 -7.04 -13.65 -13.77
C GLY E 137 -8.12 -14.51 -14.39
N VAL E 138 -8.42 -14.30 -15.67
CA VAL E 138 -9.53 -15.00 -16.32
C VAL E 138 -9.20 -15.57 -17.71
N SER E 139 -8.40 -14.85 -18.50
CA SER E 139 -8.09 -15.26 -19.86
C SER E 139 -7.22 -16.53 -19.91
N GLN E 140 -7.79 -17.62 -20.42
CA GLN E 140 -7.07 -18.90 -20.44
C GLN E 140 -6.45 -19.20 -21.80
N LEU E 141 -5.61 -20.24 -21.83
CA LEU E 141 -4.89 -20.63 -23.03
C LEU E 141 -5.81 -21.31 -24.05
N THR E 142 -6.47 -22.37 -23.61
CA THR E 142 -7.34 -23.15 -24.49
C THR E 142 -8.77 -22.60 -24.51
N ARG F 1 29.96 29.74 -11.89
CA ARG F 1 30.09 28.99 -10.63
C ARG F 1 28.80 29.02 -9.80
N LEU F 2 27.93 30.00 -10.10
CA LEU F 2 26.62 30.17 -9.44
C LEU F 2 25.43 30.18 -10.40
N LYS F 3 24.53 29.21 -10.26
CA LYS F 3 23.27 29.20 -10.99
C LYS F 3 22.13 29.32 -10.00
N GLY F 4 20.95 29.72 -10.45
CA GLY F 4 19.78 29.72 -9.59
C GLY F 4 19.23 28.31 -9.42
N LEU F 5 18.08 28.17 -8.78
CA LEU F 5 17.43 26.87 -8.64
C LEU F 5 16.93 26.37 -9.99
N THR F 6 16.90 25.05 -10.19
CA THR F 6 16.32 24.48 -11.40
C THR F 6 14.79 24.46 -11.26
N GLU F 7 14.07 24.27 -12.35
CA GLU F 7 12.61 24.21 -12.29
C GLU F 7 12.15 23.03 -11.44
N ASP F 8 12.84 21.90 -11.55
CA ASP F 8 12.54 20.71 -10.75
C ASP F 8 12.66 20.95 -9.26
N GLU F 9 13.71 21.68 -8.87
CA GLU F 9 13.95 22.04 -7.47
C GLU F 9 12.88 22.99 -6.96
N VAL F 10 12.47 23.95 -7.80
CA VAL F 10 11.37 24.85 -7.44
C VAL F 10 10.09 24.05 -7.25
N GLN F 11 9.79 23.18 -8.20
CA GLN F 11 8.58 22.37 -8.09
C GLN F 11 8.62 21.45 -6.87
N THR F 12 9.79 20.89 -6.58
CA THR F 12 9.92 19.98 -5.44
C THR F 12 9.73 20.67 -4.10
N VAL F 13 10.26 21.89 -3.95
CA VAL F 13 10.05 22.62 -2.70
C VAL F 13 8.56 22.93 -2.51
N VAL F 14 7.89 23.31 -3.60
CA VAL F 14 6.48 23.59 -3.53
C VAL F 14 5.67 22.36 -3.12
N ASN F 16 6.77 19.74 -1.38
CA ASN F 16 7.13 19.45 0.01
C ASN F 16 6.39 20.38 0.97
N TRP F 17 6.32 21.66 0.64
CA TRP F 17 5.52 22.60 1.39
C TRP F 17 4.05 22.12 1.46
N SER F 18 3.50 21.66 0.33
CA SER F 18 2.09 21.25 0.28
C SER F 18 1.75 20.01 1.09
N LYS F 19 2.76 19.18 1.40
CA LYS F 19 2.55 18.01 2.25
C LYS F 19 2.21 18.38 3.70
N ARG F 20 2.58 19.58 4.11
CA ARG F 20 2.43 19.97 5.52
C ARG F 20 1.29 20.94 5.75
N GLN F 21 0.59 21.32 4.69
CA GLN F 21 -0.60 22.15 4.82
C GLN F 21 -1.81 21.28 4.62
N LYS F 22 -2.91 21.56 5.30
CA LYS F 22 -4.06 20.71 5.12
C LYS F 22 -5.20 21.46 4.44
N PHE F 23 -5.97 20.72 3.65
CA PHE F 23 -7.16 21.25 3.05
C PHE F 23 -8.23 20.19 3.24
N LYS F 24 -9.31 20.57 3.92
CA LYS F 24 -10.37 19.66 4.28
C LYS F 24 -9.84 18.36 4.89
N GLY F 25 -8.89 18.52 5.81
CA GLY F 25 -8.45 17.39 6.61
C GLY F 25 -7.40 16.50 5.97
N ARG F 26 -6.92 16.86 4.78
CA ARG F 26 -5.82 16.09 4.23
C ARG F 26 -4.73 16.99 3.68
N PRO F 27 -3.53 16.42 3.48
CA PRO F 27 -2.44 17.24 2.94
C PRO F 27 -2.85 17.87 1.62
N LEU F 28 -2.52 19.14 1.44
CA LEU F 28 -2.85 19.81 0.18
C LEU F 28 -2.21 19.09 -0.98
N PHE F 29 -1.02 18.54 -0.73
CA PHE F 29 -0.32 17.65 -1.66
C PHE F 29 -1.24 16.61 -2.33
N ASP F 30 -2.23 16.09 -1.60
CA ASP F 30 -3.10 15.03 -2.12
C ASP F 30 -3.99 15.50 -3.27
N TYR F 31 -4.19 16.81 -3.38
CA TYR F 31 -5.06 17.39 -4.42
C TYR F 31 -4.28 17.91 -5.63
N ILE F 32 -2.97 17.75 -5.58
CA ILE F 32 -2.11 18.29 -6.63
C ILE F 32 -1.59 17.17 -7.50
N HIS F 33 -1.71 17.33 -8.82
CA HIS F 33 -1.21 16.33 -9.75
C HIS F 33 -0.24 16.99 -10.70
N HIS F 34 0.86 16.30 -10.98
CA HIS F 34 1.80 16.75 -11.99
C HIS F 34 1.73 15.75 -13.13
N SER F 35 1.56 16.21 -14.37
CA SER F 35 1.55 15.28 -15.49
C SER F 35 2.89 15.35 -16.23
N PRO F 36 3.68 14.27 -16.13
CA PRO F 36 5.04 14.20 -16.71
C PRO F 36 5.05 14.52 -18.21
N ALA F 56 6.76 8.79 -27.61
CA ALA F 56 7.29 9.73 -28.59
C ALA F 56 6.16 10.59 -29.18
N ALA F 57 5.77 10.28 -30.41
CA ALA F 57 4.62 10.92 -31.05
C ALA F 57 3.37 10.10 -30.77
N LYS F 58 3.54 9.01 -30.02
CA LYS F 58 2.46 8.18 -29.53
C LYS F 58 1.67 8.89 -28.42
N PHE F 59 2.40 9.60 -27.57
CA PHE F 59 1.76 10.29 -26.46
C PHE F 59 0.79 11.36 -26.94
N LYS F 60 1.21 12.10 -27.97
CA LYS F 60 0.36 13.10 -28.60
C LYS F 60 -0.92 12.47 -29.14
N ARG F 61 -0.77 11.25 -29.68
CA ARG F 61 -1.89 10.51 -30.24
C ARG F 61 -2.84 10.02 -29.16
N GLY F 63 -3.46 11.70 -26.38
CA GLY F 63 -4.11 12.83 -25.77
C GLY F 63 -3.19 13.81 -25.05
N VAL F 64 -1.91 13.45 -24.91
CA VAL F 64 -0.98 14.32 -24.20
C VAL F 64 -0.82 15.65 -24.94
N LYS F 65 -1.17 16.74 -24.27
CA LYS F 65 -1.11 18.07 -24.86
C LYS F 65 0.18 18.81 -24.52
N ALA F 66 0.88 19.22 -25.57
CA ALA F 66 2.06 20.07 -25.40
C ALA F 66 1.67 21.39 -24.73
N GLY F 67 2.52 21.87 -23.82
CA GLY F 67 2.28 23.14 -23.18
C GLY F 67 1.30 23.12 -22.01
N TYR F 68 0.87 21.92 -21.60
CA TYR F 68 -0.04 21.82 -20.47
C TYR F 68 0.69 22.26 -19.19
N PRO F 69 0.01 23.04 -18.32
CA PRO F 69 0.61 23.51 -17.07
C PRO F 69 1.14 22.41 -16.17
N ASP F 70 2.21 22.73 -15.42
CA ASP F 70 2.88 21.76 -14.57
C ASP F 70 2.01 21.22 -13.46
N LEU F 71 1.24 22.10 -12.83
CA LEU F 71 0.48 21.70 -11.66
C LEU F 71 -0.99 21.74 -11.95
N ILE F 72 -1.65 20.64 -11.65
CA ILE F 72 -3.11 20.53 -11.70
C ILE F 72 -3.60 20.51 -10.25
N ILE F 73 -4.38 21.49 -9.85
CA ILE F 73 -4.92 21.44 -8.53
C ILE F 73 -6.42 21.27 -8.64
N ASP F 74 -6.90 20.08 -8.26
CA ASP F 74 -8.28 19.68 -8.47
C ASP F 74 -9.19 20.17 -7.34
N ILE F 75 -9.23 21.48 -7.19
CA ILE F 75 -10.12 22.11 -6.22
C ILE F 75 -10.73 23.33 -6.87
N ALA F 76 -12.04 23.47 -6.77
CA ALA F 76 -12.70 24.64 -7.33
C ALA F 76 -12.83 25.67 -6.24
N ARG F 77 -12.40 26.90 -6.53
CA ARG F 77 -12.48 28.00 -5.57
C ARG F 77 -12.91 29.27 -6.29
N GLY F 78 -13.74 30.07 -5.62
CA GLY F 78 -14.18 31.34 -6.17
C GLY F 78 -14.87 31.16 -7.52
N ALA F 79 -14.45 31.92 -8.52
CA ALA F 79 -15.06 31.85 -9.84
C ALA F 79 -14.58 30.63 -10.64
N TYR F 80 -13.63 29.86 -10.12
CA TYR F 80 -12.86 28.91 -10.94
C TYR F 80 -13.17 27.44 -10.73
N HIS F 81 -13.14 26.67 -11.83
CA HIS F 81 -13.40 25.24 -11.80
C HIS F 81 -12.20 24.41 -11.37
N GLY F 82 -11.06 25.07 -11.19
CA GLY F 82 -9.83 24.37 -10.81
C GLY F 82 -8.66 25.29 -11.02
N LEU F 83 -7.49 24.89 -10.52
CA LEU F 83 -6.28 25.72 -10.64
C LEU F 83 -5.23 25.02 -11.50
N ARG F 84 -4.57 25.79 -12.35
CA ARG F 84 -3.48 25.28 -13.17
C ARG F 84 -2.31 26.24 -13.04
N ILE F 85 -1.12 25.72 -12.81
CA ILE F 85 0.03 26.62 -12.70
C ILE F 85 1.16 26.13 -13.62
N GLU F 86 1.58 27.02 -14.51
CA GLU F 86 2.80 26.82 -15.28
C GLU F 86 3.95 27.40 -14.48
N ILE F 87 4.83 26.53 -14.00
CA ILE F 87 5.96 26.94 -13.15
C ILE F 87 7.18 27.35 -13.97
N LYS F 88 7.77 28.51 -13.63
CA LYS F 88 9.08 28.90 -14.15
C LYS F 88 10.07 28.98 -13.00
N LYS F 89 11.35 28.76 -13.26
CA LYS F 89 12.30 28.64 -12.16
C LYS F 89 12.66 30.01 -11.58
N ASP F 90 12.59 31.05 -12.41
CA ASP F 90 12.88 32.42 -11.96
C ASP F 90 12.29 33.44 -12.93
N GLY F 91 12.54 34.72 -12.67
CA GLY F 91 11.94 35.79 -13.46
C GLY F 91 12.45 35.91 -14.89
N ASN F 92 13.54 35.21 -15.20
CA ASN F 92 14.10 35.27 -16.55
C ASN F 92 13.64 34.13 -17.47
N SER F 93 12.71 33.32 -16.99
CA SER F 93 12.14 32.27 -17.81
C SER F 93 10.70 32.64 -18.14
N TYR F 94 10.29 32.36 -19.38
CA TYR F 94 8.97 32.77 -19.86
C TYR F 94 8.21 31.64 -20.52
N ALA F 95 6.88 31.76 -20.53
CA ALA F 95 6.01 30.77 -21.14
C ALA F 95 6.18 30.72 -22.66
N THR F 96 6.14 29.51 -23.20
CA THR F 96 6.22 29.31 -24.66
C THR F 96 4.87 29.61 -25.30
N PRO F 97 4.82 29.77 -26.63
CA PRO F 97 3.53 29.99 -27.28
C PRO F 97 2.53 28.87 -26.99
N ALA F 98 2.99 27.62 -26.97
CA ALA F 98 2.11 26.50 -26.68
C ALA F 98 1.54 26.60 -25.26
N GLN F 99 2.37 27.00 -24.29
CA GLN F 99 1.89 27.14 -22.91
C GLN F 99 0.88 28.28 -22.81
N LYS F 100 1.15 29.39 -23.49
CA LYS F 100 0.23 30.51 -23.51
C LYS F 100 -1.11 30.12 -24.14
N GLU F 101 -1.08 29.40 -25.25
CA GLU F 101 -2.32 28.99 -25.88
C GLU F 101 -3.15 28.08 -24.99
N ARG F 102 -2.49 27.12 -24.34
CA ARG F 102 -3.18 26.20 -23.47
C ARG F 102 -3.75 26.93 -22.24
N ILE F 103 -2.97 27.87 -21.72
CA ILE F 103 -3.43 28.69 -20.60
C ILE F 103 -4.66 29.49 -20.96
N GLU F 104 -4.68 30.08 -22.14
CA GLU F 104 -5.83 30.89 -22.54
C GLU F 104 -7.06 29.99 -22.80
N LEU F 106 -7.66 27.19 -21.07
CA LEU F 106 -8.10 26.87 -19.71
C LEU F 106 -8.87 28.06 -19.12
N ALA F 107 -8.35 29.26 -19.32
CA ALA F 107 -8.99 30.47 -18.83
C ALA F 107 -10.40 30.63 -19.41
N LYS F 108 -10.51 30.46 -20.72
CA LYS F 108 -11.81 30.57 -21.40
C LYS F 108 -12.83 29.56 -20.87
N GLU F 109 -12.38 28.40 -20.44
CA GLU F 109 -13.30 27.41 -19.89
C GLU F 109 -13.47 27.56 -18.37
N GLY F 110 -12.96 28.66 -17.83
CA GLY F 110 -13.23 29.03 -16.45
C GLY F 110 -12.30 28.43 -15.41
N TYR F 111 -11.13 27.95 -15.84
CA TYR F 111 -10.11 27.52 -14.86
C TYR F 111 -9.21 28.68 -14.52
N CYS F 112 -8.62 28.67 -13.32
CA CYS F 112 -7.62 29.65 -12.97
C CYS F 112 -6.29 29.13 -13.50
N ALA F 113 -5.72 29.81 -14.50
CA ALA F 113 -4.53 29.29 -15.17
C ALA F 113 -3.49 30.38 -15.27
N VAL F 114 -2.36 30.18 -14.59
CA VAL F 114 -1.37 31.25 -14.49
C VAL F 114 0.04 30.73 -14.64
N VAL F 115 0.94 31.63 -15.00
CA VAL F 115 2.37 31.39 -14.93
C VAL F 115 2.88 31.97 -13.61
N ALA F 116 3.61 31.16 -12.83
CA ALA F 116 4.19 31.67 -11.60
C ALA F 116 5.68 31.32 -11.54
N LYS F 117 6.49 32.27 -11.10
CA LYS F 117 7.95 32.14 -11.25
C LYS F 117 8.68 32.13 -9.90
N GLY F 118 9.31 31.00 -9.60
CA GLY F 118 9.98 30.83 -8.33
C GLY F 118 9.08 30.28 -7.24
N ILE F 119 9.73 29.76 -6.18
CA ILE F 119 9.02 29.07 -5.14
C ILE F 119 8.02 29.98 -4.42
N ASP F 120 8.48 31.16 -4.04
CA ASP F 120 7.66 32.07 -3.26
C ASP F 120 6.40 32.46 -4.04
N ASN F 121 6.53 32.74 -5.33
CA ASN F 121 5.39 33.16 -6.14
C ASN F 121 4.41 32.02 -6.42
N VAL F 122 4.94 30.81 -6.62
CA VAL F 122 4.07 29.65 -6.79
C VAL F 122 3.25 29.38 -5.54
N ILE F 123 3.91 29.36 -4.38
CA ILE F 123 3.20 29.13 -3.13
C ILE F 123 2.17 30.24 -2.91
N SER F 124 2.55 31.48 -3.21
CA SER F 124 1.63 32.59 -3.04
C SER F 124 0.37 32.50 -3.91
N VAL F 125 0.50 32.04 -5.15
CA VAL F 125 -0.67 31.84 -6.00
C VAL F 125 -1.61 30.79 -5.40
N ILE F 126 -1.03 29.69 -4.94
CA ILE F 126 -1.81 28.61 -4.36
C ILE F 126 -2.54 29.10 -3.12
N GLN F 127 -1.84 29.85 -2.26
CA GLN F 127 -2.48 30.48 -1.10
C GLN F 127 -3.65 31.38 -1.50
N GLN F 128 -3.41 32.27 -2.47
CA GLN F 128 -4.44 33.24 -2.88
C GLN F 128 -5.64 32.52 -3.49
N TYR F 129 -5.37 31.47 -4.26
CA TYR F 129 -6.47 30.69 -4.86
C TYR F 129 -7.33 30.03 -3.79
N ILE F 130 -6.71 29.35 -2.84
CA ILE F 130 -7.49 28.67 -1.80
C ILE F 130 -8.29 29.72 -0.99
N LYS F 131 -7.69 30.89 -0.82
CA LYS F 131 -8.27 31.98 -0.06
C LYS F 131 -9.56 32.52 -0.69
N LEU F 132 -9.81 32.22 -1.95
CA LEU F 132 -11.06 32.63 -2.60
C LEU F 132 -12.27 31.95 -1.96
N GLY F 133 -12.06 30.87 -1.24
CA GLY F 133 -13.17 30.18 -0.61
C GLY F 133 -13.96 29.31 -1.59
N ASP F 134 -15.10 28.83 -1.13
CA ASP F 134 -15.89 27.86 -1.88
C ASP F 134 -16.27 28.41 -3.24
N PHE F 135 -16.42 27.52 -4.21
CA PHE F 135 -16.85 27.92 -5.54
C PHE F 135 -18.08 28.79 -5.45
N ASP F 136 -18.03 29.99 -6.03
CA ASP F 136 -19.19 30.89 -6.01
C ASP F 136 -19.48 31.46 -7.41
N GLY F 137 -18.68 31.05 -8.39
CA GLY F 137 -18.88 31.51 -9.76
C GLY F 137 -18.43 32.93 -10.05
N VAL F 138 -18.01 33.68 -9.02
CA VAL F 138 -17.75 35.12 -9.21
C VAL F 138 -16.40 35.65 -8.68
N SER F 139 -15.86 35.07 -7.61
CA SER F 139 -14.65 35.64 -7.00
C SER F 139 -13.40 35.31 -7.81
N GLN F 140 -12.78 36.34 -8.40
CA GLN F 140 -11.60 36.14 -9.22
C GLN F 140 -10.33 36.41 -8.45
N LEU F 141 -9.21 35.93 -8.97
CA LEU F 141 -7.94 36.02 -8.25
C LEU F 141 -7.59 37.46 -7.86
N THR F 142 -7.16 38.26 -8.82
CA THR F 142 -6.89 39.69 -8.57
C THR F 142 -6.45 40.40 -9.85
#